data_7T90
#
_entry.id   7T90
#
_cell.length_a   1.00
_cell.length_b   1.00
_cell.length_c   1.00
_cell.angle_alpha   90.00
_cell.angle_beta   90.00
_cell.angle_gamma   90.00
#
_symmetry.space_group_name_H-M   'P 1'
#
loop_
_entity.id
_entity.type
_entity.pdbx_description
1 polymer 'Muscarinic acetylcholine receptor M2'
2 polymer 'Guanine nucleotide-binding protein G(o) subunit alpha'
3 polymer 'Guanine nucleotide-binding protein G(I)/G(S)/G(T) subunit beta-1'
4 polymer 'Guanine nucleotide-binding protein G(I)/G(S)/G(O) subunit gamma-2'
5 polymer scFV16
6 non-polymer ACETYLCHOLINE
7 water water
#
loop_
_entity_poly.entity_id
_entity_poly.type
_entity_poly.pdbx_seq_one_letter_code
_entity_poly.pdbx_strand_id
1 'polypeptide(L)'
;DYKDDDDASTDSSDNSLALTSPYKTFEVVFIVLVAGSLSLVTIIGNILVMVSIKVNRHLQTVNNYFLFSLACADLIIGVF
SMNLYTLYTVIGYWPLGPVVCDLWLALDYVVSNASVMNLLIISFDRYFCVTKPLTYPVKRTTKMAGMMIAAAWVLSFILW
APAILFWQFIVGVRTVEDGECYIQFFSNAAVTFGTAIAAFYLPVIIMTVLYWHISRASKSRIKKDKKEPVANQDPVSIVA
RKIVKMTKQPAKKKPPPSREKKVTRTILAILLAFIITWAPYNVMVLINTFCAPCIPNTVWTIGYWLCYINSTINPACYAL
CNATFKKTFKHLLMCHYKNIGATRPAGLEVLFQ
;
A
2 'polypeptide(L)'
;MGCTLSAEDKAAVERSKMIEKNLKEDGISAAKDVKLLLLGAGESGKSTIVKQMKIIHEDGFSGEDVKQYKPVVYSNTIQS
LAAIVRAMDTLGIEYGDKERKADAKMVCDVVSRMEDTEPFSAELLSAMMRLWGDSGIQECFNRSREYQLNDSAKYYLDSL
DRIGAADYQPTEQDILRTRVKTTGIVETHFTFKNLHFRLFDVGGQRSERKKWIHCFEDVTAIIFCVALSGYDQVLHEDET
TNRMHESLMLFDSICNNKFFIDTSIILFLNKKDLFGEKIKKSPLTICFPEYTGPNTYEDAAAYIQAQFESKNRSPNKEIY
CHMTCATDTNNIQVVFDAVTDIIIANNLRGCGLY
;
B
3 'polypeptide(L)'
;GPGSSGSELDQLRQEAEQLKNQIRDARKACADATLSQITNNIDPVGRIQMRTRRTLRGHLAKIYAMHWGTDSRLLVSASQ
DGKLIIWDSYTTNKVHAIPLRSSWVMTCAYAPSGNYVACGGLDNICSIYNLKTREGNVRVSRELAGHTGYLSCCRFLDDN
QIVTSSGDTTCALWDIETGQQTTTFTGHTGDVMSLSLAPDTRLFVSGACDASAKLWDVREGMCRQTFTGHESDINAICFF
PNGNAFATGSDDATCRLFDLRADQELMTYSHDNIICGITSVSFSKSGRLLLAGYDDFNCNVWDALKADRAGVLAGHDNRV
SCLGVTDDGMAVATGSWDSFLKIWN
;
C
4 'polypeptide(L)' MASNNTASIAQARKLVEQLKMEANIDRIKVSKAAADLMAYCEAHAKEDPLLTPVPASENPFREKKFFCAIL D
5 'polypeptide(L)'
;DVQLVESGGGLVQPGGSRKLSCSASGFAFSSFGMHWVRQAPEKGLEWVAYISSGSGTIYYADTVKGRFTISRDDPKNTLF
LQMTSLRSEDTAMYYCVRSIYYYGSSPFDFWGQGTTLTVSSGGGGSGGGGSGGGGSDIVMTQATSSVPVTPGESVSISCR
SSKSLLHSNGNTYLYWFLQRPGQSPQLLIYRMSNLASGVPDRFSGSGSGTAFTLTISRLEAEDVGVYYCMQHLEYPLTFG
AGTKLELKGSLEVLFQ
;
E
#
loop_
_chem_comp.id
_chem_comp.type
_chem_comp.name
_chem_comp.formula
ACH non-polymer ACETYLCHOLINE 'C7 H16 N O2 1'
#
# COMPACT_ATOMS: atom_id res chain seq x y z
N GLU A 27 -14.47 -23.05 51.60
CA GLU A 27 -13.71 -21.82 51.50
C GLU A 27 -12.60 -21.97 50.46
N VAL A 28 -12.45 -23.18 49.92
CA VAL A 28 -11.41 -23.43 48.94
C VAL A 28 -11.73 -22.75 47.61
N VAL A 29 -13.01 -22.63 47.26
CA VAL A 29 -13.37 -22.05 45.97
C VAL A 29 -13.01 -20.57 45.92
N PHE A 30 -13.05 -19.90 47.08
CA PHE A 30 -12.72 -18.48 47.11
C PHE A 30 -11.29 -18.24 46.65
N ILE A 31 -10.38 -19.14 47.02
CA ILE A 31 -8.98 -18.97 46.61
C ILE A 31 -8.82 -19.23 45.11
N VAL A 32 -9.53 -20.24 44.61
CA VAL A 32 -9.36 -20.63 43.17
C VAL A 32 -10.11 -19.63 42.27
N LEU A 33 -11.24 -19.06 42.73
CA LEU A 33 -11.96 -18.16 41.81
C LEU A 33 -11.09 -16.95 41.53
N VAL A 34 -10.47 -16.40 42.55
CA VAL A 34 -9.70 -15.17 42.27
C VAL A 34 -8.59 -15.54 41.28
N ALA A 35 -7.96 -16.69 41.47
CA ALA A 35 -6.82 -17.04 40.60
C ALA A 35 -7.29 -17.19 39.18
N GLY A 36 -8.38 -17.92 39.02
CA GLY A 36 -8.83 -18.18 37.64
C GLY A 36 -9.18 -16.88 36.99
N SER A 37 -9.89 -16.04 37.72
CA SER A 37 -10.32 -14.81 37.04
C SER A 37 -9.10 -13.99 36.65
N LEU A 38 -8.18 -13.80 37.56
CA LEU A 38 -7.10 -12.86 37.19
C LEU A 38 -6.36 -13.44 35.99
N SER A 39 -6.01 -14.74 36.05
CA SER A 39 -5.26 -15.41 34.96
C SER A 39 -5.97 -15.26 33.61
N LEU A 40 -7.26 -15.61 33.55
CA LEU A 40 -7.99 -15.54 32.27
C LEU A 40 -8.07 -14.08 31.77
N VAL A 41 -8.31 -13.13 32.68
CA VAL A 41 -8.47 -11.71 32.27
C VAL A 41 -7.14 -11.33 31.62
N THR A 42 -6.05 -11.84 32.19
CA THR A 42 -4.73 -11.58 31.55
C THR A 42 -4.69 -12.14 30.14
N ILE A 43 -5.08 -13.40 29.93
CA ILE A 43 -4.89 -14.12 28.67
C ILE A 43 -5.69 -13.45 27.56
N ILE A 44 -6.97 -13.16 27.82
CA ILE A 44 -7.81 -12.61 26.76
C ILE A 44 -7.35 -11.20 26.39
N GLY A 45 -6.99 -10.39 27.39
CA GLY A 45 -6.51 -9.05 27.10
C GLY A 45 -5.25 -9.06 26.25
N ASN A 46 -4.33 -9.98 26.55
CA ASN A 46 -3.10 -10.02 25.77
C ASN A 46 -3.29 -10.61 24.39
N ILE A 47 -4.21 -11.57 24.22
CA ILE A 47 -4.54 -11.99 22.85
C ILE A 47 -5.12 -10.83 22.06
N LEU A 48 -6.00 -10.05 22.69
CA LEU A 48 -6.58 -8.89 22.02
C LEU A 48 -5.49 -7.91 21.62
N VAL A 49 -4.52 -7.65 22.52
CA VAL A 49 -3.42 -6.75 22.19
C VAL A 49 -2.60 -7.29 21.03
N MET A 50 -2.28 -8.59 21.07
CA MET A 50 -1.43 -9.19 20.05
C MET A 50 -2.07 -9.08 18.67
N VAL A 51 -3.38 -9.34 18.59
CA VAL A 51 -4.05 -9.14 17.31
C VAL A 51 -4.22 -7.65 17.01
N SER A 52 -4.21 -6.81 18.05
CA SER A 52 -4.43 -5.38 17.87
C SER A 52 -3.29 -4.74 17.09
N ILE A 53 -2.05 -5.07 17.45
CA ILE A 53 -0.94 -4.48 16.69
C ILE A 53 -1.00 -4.92 15.23
N LYS A 54 -1.02 -6.21 14.97
CA LYS A 54 -0.95 -6.60 13.53
C LYS A 54 -2.13 -5.97 12.83
N VAL A 55 -3.29 -5.89 13.50
CA VAL A 55 -4.52 -5.42 12.78
C VAL A 55 -4.38 -3.98 12.25
N ASN A 56 -3.91 -3.05 13.08
CA ASN A 56 -3.85 -1.63 12.62
C ASN A 56 -2.52 -1.39 11.92
N ARG A 57 -2.55 -0.79 10.73
CA ARG A 57 -1.32 -0.56 9.92
C ARG A 57 -0.32 0.31 10.72
N HIS A 58 -0.81 1.37 11.38
CA HIS A 58 0.09 2.29 12.10
C HIS A 58 0.65 1.58 13.32
N LEU A 59 -0.19 0.81 14.01
CA LEU A 59 0.25 0.07 15.21
C LEU A 59 1.44 -0.80 14.79
N GLN A 60 1.69 -0.98 13.50
CA GLN A 60 2.91 -1.73 13.15
C GLN A 60 4.09 -0.76 13.25
N THR A 61 4.32 -0.20 14.44
CA THR A 61 5.46 0.72 14.66
C THR A 61 6.52 -0.05 15.46
N VAL A 62 7.74 0.51 15.55
CA VAL A 62 8.82 -0.16 16.24
C VAL A 62 8.56 -0.17 17.74
N ASN A 63 7.80 0.81 18.24
CA ASN A 63 7.53 0.90 19.67
C ASN A 63 6.64 -0.25 20.17
N ASN A 64 6.07 -1.04 19.27
CA ASN A 64 5.14 -2.10 19.68
C ASN A 64 5.78 -3.49 19.66
N TYR A 65 6.99 -3.63 19.14
CA TYR A 65 7.70 -4.91 19.30
C TYR A 65 7.95 -5.20 20.77
N PHE A 66 8.30 -4.16 21.53
CA PHE A 66 8.43 -4.26 22.97
C PHE A 66 7.13 -4.71 23.61
N LEU A 67 5.98 -4.26 23.09
CA LEU A 67 4.71 -4.69 23.65
C LEU A 67 4.39 -6.13 23.27
N PHE A 68 4.79 -6.58 22.08
CA PHE A 68 4.77 -8.01 21.80
C PHE A 68 5.55 -8.79 22.84
N SER A 69 6.78 -8.35 23.13
CA SER A 69 7.61 -9.06 24.09
C SER A 69 6.94 -9.12 25.45
N LEU A 70 6.40 -7.99 25.89
CA LEU A 70 5.72 -7.93 27.18
C LEU A 70 4.49 -8.83 27.19
N ALA A 71 3.74 -8.83 26.09
CA ALA A 71 2.54 -9.66 26.01
C ALA A 71 2.88 -11.14 26.11
N CYS A 72 3.91 -11.58 25.38
CA CYS A 72 4.31 -12.98 25.48
C CYS A 72 4.77 -13.33 26.89
N ALA A 73 5.57 -12.45 27.50
CA ALA A 73 6.05 -12.72 28.86
C ALA A 73 4.89 -12.87 29.82
N ASP A 74 3.97 -11.90 29.84
CA ASP A 74 2.87 -11.96 30.78
C ASP A 74 1.91 -13.10 30.46
N LEU A 75 1.76 -13.46 29.19
CA LEU A 75 0.94 -14.61 28.83
C LEU A 75 1.51 -15.89 29.42
N ILE A 76 2.81 -16.14 29.19
CA ILE A 76 3.42 -17.42 29.65
C ILE A 76 3.21 -17.58 31.16
N ILE A 77 3.58 -16.56 31.94
CA ILE A 77 3.48 -16.66 33.43
C ILE A 77 2.02 -16.58 33.84
N GLY A 78 1.14 -16.34 32.87
CA GLY A 78 -0.24 -16.06 33.26
C GLY A 78 -0.98 -17.36 33.37
N VAL A 79 -1.09 -18.09 32.25
CA VAL A 79 -1.87 -19.35 32.18
C VAL A 79 -1.15 -20.53 32.83
N PHE A 80 0.18 -20.64 32.68
CA PHE A 80 0.81 -21.89 33.16
C PHE A 80 1.14 -21.64 34.64
N SER A 81 1.93 -20.60 34.94
CA SER A 81 2.39 -20.37 36.33
C SER A 81 1.24 -20.12 37.31
N MET A 82 0.19 -19.40 36.91
CA MET A 82 -0.86 -19.06 37.90
C MET A 82 -1.56 -20.37 38.20
N ASN A 83 -1.79 -21.11 37.13
CA ASN A 83 -2.56 -22.32 37.37
C ASN A 83 -1.71 -23.20 38.29
N LEU A 84 -0.42 -23.27 38.04
CA LEU A 84 0.37 -24.22 38.85
C LEU A 84 0.37 -23.79 40.31
N TYR A 85 0.62 -22.51 40.59
CA TYR A 85 0.76 -22.17 42.02
C TYR A 85 -0.59 -22.43 42.66
N THR A 86 -1.66 -22.12 41.94
CA THR A 86 -3.00 -22.27 42.54
C THR A 86 -3.32 -23.73 42.85
N LEU A 87 -3.04 -24.65 41.91
CA LEU A 87 -3.26 -26.10 42.15
C LEU A 87 -2.44 -26.34 43.39
N TYR A 88 -1.32 -25.66 43.39
CA TYR A 88 -0.39 -25.96 44.48
C TYR A 88 -0.67 -25.17 45.76
N THR A 89 -1.49 -24.11 45.68
CA THR A 89 -1.54 -23.13 46.77
C THR A 89 -1.96 -23.75 48.09
N VAL A 90 -2.95 -24.63 48.09
CA VAL A 90 -3.53 -25.13 49.32
C VAL A 90 -3.11 -26.55 49.66
N ILE A 91 -2.63 -27.33 48.71
CA ILE A 91 -2.31 -28.73 49.00
C ILE A 91 -1.08 -28.83 49.89
N GLY A 92 -0.04 -28.04 49.60
CA GLY A 92 1.21 -28.11 50.33
C GLY A 92 2.07 -29.30 49.97
N TYR A 93 1.62 -30.16 49.08
CA TYR A 93 2.32 -31.38 48.68
C TYR A 93 2.72 -31.22 47.22
N TRP A 94 3.97 -31.52 46.91
CA TRP A 94 4.44 -31.41 45.54
C TRP A 94 3.78 -32.50 44.70
N PRO A 95 2.99 -32.15 43.68
CA PRO A 95 2.32 -33.18 42.89
C PRO A 95 3.23 -33.86 41.87
N LEU A 96 4.12 -33.10 41.25
CA LEU A 96 4.97 -33.62 40.17
C LEU A 96 6.36 -33.99 40.63
N GLY A 97 6.63 -33.97 41.94
CA GLY A 97 7.90 -34.41 42.45
C GLY A 97 8.96 -33.33 42.44
N PRO A 98 10.15 -33.66 42.95
CA PRO A 98 11.22 -32.65 43.06
C PRO A 98 11.76 -32.18 41.72
N VAL A 99 12.00 -33.10 40.80
CA VAL A 99 12.69 -32.77 39.56
C VAL A 99 11.88 -31.77 38.74
N VAL A 100 10.57 -32.00 38.64
CA VAL A 100 9.72 -31.12 37.83
C VAL A 100 9.62 -29.74 38.48
N CYS A 101 9.55 -29.69 39.81
CA CYS A 101 9.34 -28.42 40.50
C CYS A 101 10.44 -27.42 40.20
N ASP A 102 11.69 -27.90 40.08
CA ASP A 102 12.80 -27.01 39.78
C ASP A 102 12.65 -26.36 38.42
N LEU A 103 12.20 -27.12 37.41
CA LEU A 103 11.94 -26.54 36.10
C LEU A 103 10.86 -25.47 36.18
N TRP A 104 9.81 -25.72 36.96
CA TRP A 104 8.76 -24.74 37.15
C TRP A 104 9.31 -23.46 37.77
N LEU A 105 10.14 -23.58 38.81
CA LEU A 105 10.70 -22.40 39.45
C LEU A 105 11.57 -21.62 38.48
N ALA A 106 12.42 -22.33 37.73
CA ALA A 106 13.29 -21.63 36.77
C ALA A 106 12.48 -20.90 35.71
N LEU A 107 11.45 -21.55 35.16
CA LEU A 107 10.63 -20.92 34.15
C LEU A 107 9.92 -19.69 34.71
N ASP A 108 9.34 -19.81 35.90
CA ASP A 108 8.60 -18.70 36.48
C ASP A 108 9.51 -17.50 36.72
N TYR A 109 10.67 -17.73 37.34
CA TYR A 109 11.58 -16.62 37.62
C TYR A 109 12.11 -15.99 36.33
N VAL A 110 12.45 -16.81 35.35
CA VAL A 110 12.98 -16.28 34.10
C VAL A 110 11.94 -15.40 33.41
N VAL A 111 10.70 -15.86 33.34
CA VAL A 111 9.70 -15.10 32.60
C VAL A 111 9.33 -13.81 33.34
N SER A 112 9.25 -13.85 34.68
CA SER A 112 8.97 -12.63 35.42
C SER A 112 10.08 -11.60 35.24
N ASN A 113 11.33 -12.07 35.33
CA ASN A 113 12.48 -11.16 35.11
C ASN A 113 12.36 -10.56 33.71
N ALA A 114 12.03 -11.39 32.72
CA ALA A 114 11.92 -10.91 31.35
C ALA A 114 10.87 -9.81 31.23
N SER A 115 9.73 -9.98 31.92
CA SER A 115 8.73 -8.92 31.91
C SER A 115 9.27 -7.63 32.50
N VAL A 116 10.03 -7.73 33.59
CA VAL A 116 10.61 -6.53 34.19
C VAL A 116 11.57 -5.85 33.21
N MET A 117 12.41 -6.64 32.52
CA MET A 117 13.31 -6.05 31.54
C MET A 117 12.54 -5.40 30.39
N ASN A 118 11.42 -5.98 29.99
CA ASN A 118 10.59 -5.34 28.97
C ASN A 118 10.09 -3.98 29.43
N LEU A 119 9.65 -3.89 30.69
CA LEU A 119 9.25 -2.59 31.23
C LEU A 119 10.41 -1.61 31.20
N LEU A 120 11.61 -2.07 31.53
CA LEU A 120 12.77 -1.19 31.53
C LEU A 120 13.07 -0.64 30.14
N ILE A 121 13.03 -1.51 29.12
CA ILE A 121 13.35 -1.04 27.77
C ILE A 121 12.25 -0.13 27.22
N ILE A 122 10.99 -0.38 27.61
CA ILE A 122 9.93 0.55 27.22
C ILE A 122 10.16 1.93 27.84
N SER A 123 10.55 1.96 29.12
CA SER A 123 10.89 3.25 29.72
C SER A 123 12.02 3.92 28.95
N PHE A 124 13.04 3.15 28.56
CA PHE A 124 14.18 3.72 27.84
C PHE A 124 13.75 4.36 26.52
N ASP A 125 13.03 3.62 25.68
CA ASP A 125 12.76 4.17 24.35
C ASP A 125 11.72 5.29 24.45
N ARG A 126 10.82 5.24 25.44
CA ARG A 126 9.95 6.39 25.67
C ARG A 126 10.76 7.64 26.01
N TYR A 127 11.76 7.49 26.88
CA TYR A 127 12.59 8.63 27.25
C TYR A 127 13.28 9.20 26.02
N PHE A 128 13.89 8.35 25.21
CA PHE A 128 14.63 8.85 24.05
C PHE A 128 13.70 9.47 23.01
N CYS A 129 12.50 8.90 22.82
CA CYS A 129 11.56 9.49 21.89
C CYS A 129 11.11 10.87 22.35
N VAL A 130 10.82 11.03 23.65
CA VAL A 130 10.34 12.31 24.13
C VAL A 130 11.44 13.36 24.11
N THR A 131 12.64 13.02 24.60
CA THR A 131 13.69 14.01 24.74
C THR A 131 14.35 14.38 23.41
N LYS A 132 14.45 13.43 22.49
CA LYS A 132 15.05 13.70 21.19
C LYS A 132 14.06 13.32 20.09
N PRO A 133 13.06 14.16 19.83
CA PRO A 133 12.00 13.77 18.89
C PRO A 133 12.41 13.80 17.43
N LEU A 134 13.55 14.40 17.09
CA LEU A 134 13.97 14.55 15.70
C LEU A 134 14.98 13.49 15.27
N THR A 135 16.05 13.30 16.04
CA THR A 135 17.12 12.40 15.62
C THR A 135 16.76 10.94 15.92
N TYR A 136 16.48 10.64 17.19
CA TYR A 136 16.33 9.27 17.68
C TYR A 136 15.22 8.46 17.00
N PRO A 137 14.02 9.01 16.77
CA PRO A 137 12.95 8.17 16.20
C PRO A 137 13.27 7.60 14.83
N VAL A 138 14.17 8.22 14.07
CA VAL A 138 14.50 7.73 12.73
C VAL A 138 15.82 6.98 12.78
N LYS A 139 16.67 7.33 13.74
CA LYS A 139 17.99 6.69 13.83
C LYS A 139 17.88 5.20 14.10
N ARG A 140 17.00 4.81 15.03
CA ARG A 140 16.80 3.40 15.33
C ARG A 140 15.87 2.74 14.32
N THR A 141 16.15 1.48 14.02
CA THR A 141 15.37 0.68 13.08
C THR A 141 14.80 -0.53 13.81
N THR A 142 14.16 -1.42 13.05
CA THR A 142 13.61 -2.64 13.64
C THR A 142 14.71 -3.55 14.17
N LYS A 143 15.87 -3.54 13.53
CA LYS A 143 16.98 -4.37 13.99
C LYS A 143 17.41 -4.00 15.40
N MET A 144 17.42 -2.70 15.72
CA MET A 144 17.77 -2.28 17.07
C MET A 144 16.76 -2.78 18.09
N ALA A 145 15.46 -2.75 17.75
CA ALA A 145 14.45 -3.27 18.65
C ALA A 145 14.62 -4.77 18.86
N GLY A 146 14.88 -5.51 17.78
CA GLY A 146 15.13 -6.94 17.93
C GLY A 146 16.34 -7.23 18.79
N MET A 147 17.39 -6.44 18.62
CA MET A 147 18.59 -6.60 19.44
C MET A 147 18.29 -6.34 20.91
N MET A 148 17.51 -5.29 21.20
CA MET A 148 17.17 -4.98 22.59
C MET A 148 16.33 -6.11 23.21
N ILE A 149 15.36 -6.62 22.45
CA ILE A 149 14.52 -7.70 22.96
C ILE A 149 15.37 -8.95 23.24
N ALA A 150 16.24 -9.29 22.30
CA ALA A 150 17.10 -10.46 22.49
C ALA A 150 18.00 -10.27 23.70
N ALA A 151 18.56 -9.07 23.87
CA ALA A 151 19.42 -8.80 25.01
C ALA A 151 18.66 -8.96 26.32
N ALA A 152 17.44 -8.43 26.38
CA ALA A 152 16.64 -8.56 27.60
C ALA A 152 16.37 -10.02 27.94
N TRP A 153 15.95 -10.79 26.93
CA TRP A 153 15.60 -12.19 27.18
C TRP A 153 16.83 -13.00 27.61
N VAL A 154 17.95 -12.84 26.89
CA VAL A 154 19.14 -13.61 27.23
C VAL A 154 19.68 -13.16 28.59
N LEU A 155 19.50 -11.89 28.95
CA LEU A 155 19.89 -11.45 30.28
C LEU A 155 19.05 -12.13 31.34
N SER A 156 17.75 -12.29 31.09
CA SER A 156 16.91 -13.01 32.05
C SER A 156 17.38 -14.45 32.22
N PHE A 157 17.66 -15.14 31.10
CA PHE A 157 18.17 -16.50 31.20
C PHE A 157 19.48 -16.55 31.97
N ILE A 158 20.45 -15.70 31.60
CA ILE A 158 21.75 -15.72 32.26
C ILE A 158 21.60 -15.48 33.76
N LEU A 159 20.68 -14.60 34.14
CA LEU A 159 20.50 -14.27 35.54
C LEU A 159 19.91 -15.44 36.32
N TRP A 160 18.84 -16.06 35.79
CA TRP A 160 18.06 -16.96 36.63
C TRP A 160 18.33 -18.43 36.34
N ALA A 161 18.42 -18.81 35.07
CA ALA A 161 18.48 -20.23 34.72
C ALA A 161 19.66 -20.96 35.34
N PRO A 162 20.92 -20.44 35.31
CA PRO A 162 22.04 -21.24 35.81
C PRO A 162 21.93 -21.65 37.26
N ALA A 163 21.81 -20.68 38.16
CA ALA A 163 21.94 -20.91 39.60
C ALA A 163 20.88 -21.87 40.13
N ILE A 164 19.63 -21.68 39.73
CA ILE A 164 18.54 -22.49 40.27
C ILE A 164 18.77 -23.96 39.98
N LEU A 165 19.19 -24.27 38.75
CA LEU A 165 19.41 -25.67 38.38
C LEU A 165 20.71 -26.20 38.96
N PHE A 166 21.76 -25.39 39.00
CA PHE A 166 23.09 -25.89 39.30
C PHE A 166 23.43 -25.89 40.78
N TRP A 167 22.69 -25.18 41.62
CA TRP A 167 23.05 -25.11 43.03
C TRP A 167 22.85 -26.46 43.72
N GLN A 168 21.93 -27.28 43.20
CA GLN A 168 21.77 -28.63 43.73
C GLN A 168 23.02 -29.46 43.50
N PHE A 169 23.76 -29.06 42.43
CA PHE A 169 25.00 -29.76 41.98
C PHE A 169 26.26 -29.22 42.64
N ILE A 170 26.11 -28.25 43.53
CA ILE A 170 27.26 -27.92 44.37
C ILE A 170 27.20 -29.12 45.30
N VAL A 171 28.18 -29.36 46.14
CA VAL A 171 28.21 -30.64 46.91
C VAL A 171 26.94 -30.90 47.73
N GLY A 172 26.27 -29.86 48.20
CA GLY A 172 25.13 -30.09 49.11
C GLY A 172 24.00 -30.90 48.52
N VAL A 173 23.40 -31.77 49.33
CA VAL A 173 22.21 -32.56 48.89
C VAL A 173 21.03 -31.60 48.76
N ARG A 174 20.14 -31.86 47.79
CA ARG A 174 18.90 -31.06 47.67
C ARG A 174 18.44 -30.84 49.10
N THR A 175 18.42 -29.59 49.56
CA THR A 175 18.20 -29.37 51.01
C THR A 175 16.69 -29.31 51.02
N VAL A 176 16.08 -28.89 49.91
CA VAL A 176 14.60 -28.67 49.91
C VAL A 176 13.93 -29.94 50.38
N GLU A 177 12.96 -29.79 51.29
CA GLU A 177 12.19 -30.95 51.75
C GLU A 177 11.33 -31.34 50.55
N ASP A 178 10.85 -32.58 50.45
CA ASP A 178 10.13 -32.99 49.22
C ASP A 178 8.89 -32.15 49.01
N GLY A 179 8.01 -32.08 49.99
CA GLY A 179 6.73 -31.41 49.87
C GLY A 179 6.82 -30.02 49.25
N GLU A 180 7.83 -29.25 49.65
CA GLU A 180 7.92 -27.84 49.29
C GLU A 180 8.86 -27.64 48.11
N CYS A 181 8.35 -27.02 47.05
CA CYS A 181 9.15 -26.69 45.87
C CYS A 181 9.55 -25.22 45.90
N TYR A 182 10.53 -24.94 46.77
CA TYR A 182 11.10 -23.57 46.87
C TYR A 182 12.59 -23.69 46.53
N ILE A 183 13.12 -22.72 45.78
CA ILE A 183 14.57 -22.69 45.43
C ILE A 183 15.35 -22.54 46.72
N GLN A 184 16.40 -23.33 46.89
CA GLN A 184 17.12 -23.30 48.19
C GLN A 184 18.06 -22.13 48.11
N PHE A 185 18.13 -21.50 46.94
CA PHE A 185 19.03 -20.34 46.70
C PHE A 185 18.68 -19.21 47.67
N PHE A 186 17.49 -19.26 48.27
CA PHE A 186 17.04 -18.19 49.20
C PHE A 186 17.54 -18.39 50.62
N SER A 187 18.23 -19.48 50.89
CA SER A 187 18.84 -19.58 52.24
C SER A 187 20.32 -19.47 52.01
N ASN A 188 20.70 -19.11 50.77
CA ASN A 188 22.12 -19.15 50.41
C ASN A 188 22.98 -17.99 50.90
N ALA A 189 24.21 -17.94 50.39
CA ALA A 189 25.23 -17.00 50.90
C ALA A 189 25.22 -15.64 50.23
N ALA A 190 24.18 -14.83 50.42
CA ALA A 190 24.19 -13.42 49.98
C ALA A 190 24.26 -13.30 48.46
N VAL A 191 24.16 -14.41 47.75
CA VAL A 191 24.07 -14.26 46.28
C VAL A 191 22.58 -14.12 46.14
N THR A 192 21.91 -13.96 47.28
CA THR A 192 20.46 -13.75 47.23
C THR A 192 20.30 -12.24 47.28
N PHE A 193 21.08 -11.57 48.13
CA PHE A 193 21.03 -10.12 48.17
C PHE A 193 21.44 -9.51 46.84
N GLY A 194 22.49 -10.05 46.21
CA GLY A 194 22.93 -9.51 44.93
C GLY A 194 21.87 -9.63 43.86
N THR A 195 21.28 -10.82 43.71
CA THR A 195 20.27 -11.00 42.68
C THR A 195 19.03 -10.16 42.97
N ALA A 196 18.62 -10.07 44.25
CA ALA A 196 17.46 -9.26 44.59
C ALA A 196 17.72 -7.79 44.28
N ILE A 197 18.84 -7.26 44.79
CA ILE A 197 19.12 -5.84 44.63
C ILE A 197 19.19 -5.49 43.15
N ALA A 198 19.91 -6.28 42.36
CA ALA A 198 19.91 -6.03 40.92
C ALA A 198 18.49 -6.07 40.37
N ALA A 199 17.88 -7.27 40.38
CA ALA A 199 16.71 -7.54 39.56
C ALA A 199 15.55 -6.63 39.91
N PHE A 200 15.45 -6.18 41.16
CA PHE A 200 14.33 -5.30 41.48
C PHE A 200 14.78 -3.86 41.73
N TYR A 201 15.77 -3.65 42.61
CA TYR A 201 16.12 -2.30 42.98
C TYR A 201 16.65 -1.51 41.79
N LEU A 202 17.46 -2.13 40.92
CA LEU A 202 18.01 -1.36 39.81
C LEU A 202 16.92 -0.88 38.85
N PRO A 203 15.99 -1.72 38.38
CA PRO A 203 14.92 -1.20 37.50
C PRO A 203 14.09 -0.11 38.14
N VAL A 204 13.76 -0.23 39.43
CA VAL A 204 12.91 0.77 40.06
C VAL A 204 13.58 2.13 40.08
N ILE A 205 14.84 2.18 40.53
CA ILE A 205 15.56 3.43 40.59
C ILE A 205 15.76 4.00 39.18
N ILE A 206 16.13 3.14 38.23
CA ILE A 206 16.38 3.61 36.86
C ILE A 206 15.12 4.23 36.28
N MET A 207 13.99 3.53 36.39
CA MET A 207 12.75 4.03 35.81
C MET A 207 12.27 5.30 36.53
N THR A 208 12.46 5.39 37.84
CA THR A 208 12.08 6.60 38.55
C THR A 208 12.88 7.80 38.06
N VAL A 209 14.21 7.65 38.01
CA VAL A 209 15.06 8.75 37.56
C VAL A 209 14.73 9.12 36.12
N LEU A 210 14.43 8.12 35.29
CA LEU A 210 14.17 8.38 33.88
C LEU A 210 12.84 9.09 33.67
N TYR A 211 11.79 8.64 34.36
CA TYR A 211 10.50 9.29 34.29
C TYR A 211 10.48 10.69 34.90
N TRP A 212 11.35 10.97 35.87
CA TRP A 212 11.42 12.35 36.34
C TRP A 212 11.88 13.28 35.23
N HIS A 213 12.92 12.86 34.48
CA HIS A 213 13.37 13.64 33.33
C HIS A 213 12.29 13.73 32.26
N ILE A 214 11.56 12.63 32.03
CA ILE A 214 10.47 12.68 31.06
C ILE A 214 9.42 13.71 31.47
N SER A 215 9.04 13.72 32.75
CA SER A 215 8.05 14.68 33.23
C SER A 215 8.57 16.11 33.09
N ARG A 216 9.85 16.33 33.40
CA ARG A 216 10.41 17.68 33.27
C ARG A 216 10.44 18.13 31.82
N ALA A 217 10.77 17.23 30.89
CA ALA A 217 10.88 17.63 29.49
C ALA A 217 9.51 17.69 28.82
N SER A 218 8.49 17.13 29.47
CA SER A 218 7.16 17.11 28.85
C SER A 218 6.56 18.50 28.73
N LYS A 219 6.88 19.44 29.62
CA LYS A 219 6.18 20.76 29.62
C LYS A 219 6.53 21.58 28.38
N SER A 220 5.59 22.37 27.87
CA SER A 220 5.80 23.17 26.63
C SER A 220 6.90 24.20 26.79
N ARG A 221 7.74 24.37 25.75
CA ARG A 221 8.81 25.39 25.78
C ARG A 221 8.37 26.59 24.92
N ILE A 222 7.50 26.33 23.93
CA ILE A 222 6.99 27.42 23.03
C ILE A 222 5.63 27.90 23.54
N LYS A 223 5.61 29.05 24.20
CA LYS A 223 4.36 29.58 24.77
C LYS A 223 4.61 31.00 25.27
N PRO A 257 -6.86 20.71 31.88
CA PRO A 257 -5.70 21.02 32.74
C PRO A 257 -4.50 21.50 31.92
N SER A 258 -3.61 20.57 31.58
CA SER A 258 -2.41 20.89 30.83
C SER A 258 -1.81 19.60 30.26
N ARG A 259 -0.60 19.69 29.74
CA ARG A 259 0.13 18.52 29.25
C ARG A 259 1.01 17.90 30.33
N GLU A 260 1.85 18.71 30.99
CA GLU A 260 2.77 18.20 31.98
C GLU A 260 2.03 17.55 33.14
N LYS A 261 0.90 18.13 33.54
CA LYS A 261 0.14 17.55 34.65
C LYS A 261 -0.39 16.16 34.29
N LYS A 262 -0.91 16.00 33.07
CA LYS A 262 -1.38 14.69 32.64
C LYS A 262 -0.23 13.68 32.56
N VAL A 263 0.91 14.11 32.01
CA VAL A 263 2.07 13.22 31.92
C VAL A 263 2.51 12.79 33.30
N THR A 264 2.56 13.73 34.25
CA THR A 264 2.96 13.42 35.61
C THR A 264 1.98 12.46 36.27
N ARG A 265 0.68 12.66 35.96
CA ARG A 265 -0.44 11.87 36.57
C ARG A 265 -0.49 10.47 36.00
N THR A 266 0.03 10.23 34.82
CA THR A 266 0.24 8.91 34.23
C THR A 266 1.53 8.26 34.77
N ILE A 267 2.60 9.05 34.89
CA ILE A 267 3.87 8.51 35.35
C ILE A 267 3.75 7.98 36.78
N LEU A 268 3.15 8.76 37.67
CA LEU A 268 2.97 8.27 39.04
C LEU A 268 2.01 7.08 39.10
N ALA A 269 0.99 7.07 38.25
CA ALA A 269 0.12 5.89 38.20
C ALA A 269 0.92 4.64 37.90
N ILE A 270 1.73 4.69 36.83
CA ILE A 270 2.52 3.52 36.45
C ILE A 270 3.51 3.15 37.54
N LEU A 271 4.23 4.14 38.07
CA LEU A 271 5.28 3.85 39.03
C LEU A 271 4.72 3.23 40.32
N LEU A 272 3.62 3.79 40.83
CA LEU A 272 3.03 3.22 42.03
C LEU A 272 2.45 1.84 41.76
N ALA A 273 1.79 1.66 40.60
CA ALA A 273 1.25 0.35 40.27
C ALA A 273 2.34 -0.71 40.24
N PHE A 274 3.53 -0.33 39.78
CA PHE A 274 4.65 -1.29 39.81
C PHE A 274 5.17 -1.50 41.22
N ILE A 275 5.39 -0.40 41.96
CA ILE A 275 6.14 -0.50 43.22
C ILE A 275 5.33 -1.23 44.29
N ILE A 276 4.04 -0.91 44.40
CA ILE A 276 3.25 -1.45 45.49
C ILE A 276 3.21 -2.98 45.45
N THR A 277 3.08 -3.53 44.25
CA THR A 277 3.00 -4.99 44.13
C THR A 277 4.32 -5.65 44.51
N TRP A 278 5.44 -5.15 43.97
CA TRP A 278 6.67 -5.92 44.03
C TRP A 278 7.50 -5.61 45.28
N ALA A 279 7.19 -4.53 46.01
CA ALA A 279 7.99 -4.21 47.18
C ALA A 279 7.93 -5.24 48.30
N PRO A 280 6.76 -5.71 48.75
CA PRO A 280 6.73 -6.57 49.95
C PRO A 280 7.52 -7.86 49.80
N TYR A 281 7.48 -8.48 48.62
CA TYR A 281 8.22 -9.73 48.45
C TYR A 281 9.71 -9.50 48.61
N ASN A 282 10.21 -8.39 48.08
CA ASN A 282 11.63 -8.07 48.27
C ASN A 282 11.93 -7.76 49.73
N VAL A 283 10.96 -7.18 50.44
CA VAL A 283 11.16 -6.96 51.88
C VAL A 283 11.34 -8.28 52.61
N MET A 284 10.46 -9.26 52.34
CA MET A 284 10.64 -10.58 52.95
C MET A 284 11.94 -11.23 52.51
N VAL A 285 12.30 -11.09 51.23
CA VAL A 285 13.54 -11.69 50.74
C VAL A 285 14.74 -11.13 51.50
N LEU A 286 14.73 -9.83 51.80
CA LEU A 286 15.88 -9.26 52.50
C LEU A 286 15.86 -9.62 53.99
N ILE A 287 14.67 -9.96 54.51
CA ILE A 287 14.61 -10.35 55.96
C ILE A 287 14.97 -11.82 56.21
N ASN A 288 14.44 -12.78 55.46
CA ASN A 288 14.67 -14.22 55.79
C ASN A 288 16.15 -14.57 55.79
N THR A 289 16.93 -14.13 54.79
CA THR A 289 18.39 -14.40 54.78
C THR A 289 19.03 -14.10 56.14
N PHE A 290 18.79 -12.91 56.69
CA PHE A 290 19.34 -12.68 58.04
C PHE A 290 18.51 -13.48 59.08
N CYS A 291 17.22 -13.18 59.25
CA CYS A 291 16.43 -13.82 60.34
C CYS A 291 15.19 -14.57 59.84
N ALA A 292 14.93 -15.80 60.32
CA ALA A 292 13.68 -16.50 59.95
C ALA A 292 12.57 -15.63 60.52
N CYS A 294 9.68 -13.19 61.65
CA CYS A 294 8.23 -13.11 61.39
C CYS A 294 7.99 -13.70 60.00
N ILE A 295 7.37 -14.87 59.93
CA ILE A 295 7.22 -15.55 58.62
C ILE A 295 5.82 -16.12 58.52
N PRO A 296 4.76 -15.31 58.46
CA PRO A 296 3.43 -15.89 58.46
C PRO A 296 3.20 -16.71 57.20
N ASN A 297 2.70 -17.94 57.34
CA ASN A 297 2.32 -18.71 56.12
C ASN A 297 1.08 -17.97 55.68
N THR A 298 0.70 -16.99 56.50
CA THR A 298 -0.45 -16.15 56.11
C THR A 298 -0.05 -15.30 54.89
N VAL A 299 1.15 -14.73 54.91
CA VAL A 299 1.42 -13.81 53.78
C VAL A 299 2.57 -14.27 52.92
N TRP A 300 3.22 -15.39 53.22
CA TRP A 300 4.28 -15.76 52.25
C TRP A 300 3.63 -15.98 50.89
N THR A 301 2.51 -16.70 50.89
CA THR A 301 1.87 -17.01 49.59
C THR A 301 1.31 -15.73 48.99
N ILE A 302 0.69 -14.86 49.78
CA ILE A 302 0.15 -13.66 49.08
C ILE A 302 1.35 -12.83 48.66
N GLY A 303 2.51 -13.05 49.31
CA GLY A 303 3.72 -12.28 48.99
C GLY A 303 4.09 -12.59 47.57
N TYR A 304 4.00 -13.85 47.21
CA TYR A 304 4.24 -14.23 45.82
C TYR A 304 3.10 -13.76 44.93
N TRP A 305 1.83 -13.79 45.31
N TRP A 305 1.87 -13.64 45.41
CA TRP A 305 0.79 -13.35 44.32
CA TRP A 305 0.74 -13.35 44.49
C TRP A 305 0.86 -11.85 44.01
C TRP A 305 0.69 -11.85 44.14
N LEU A 306 1.32 -11.00 44.96
CA LEU A 306 1.44 -9.52 44.72
C LEU A 306 2.48 -9.26 43.65
N CYS A 307 3.12 -10.26 43.09
CA CYS A 307 4.16 -10.27 42.07
C CYS A 307 3.52 -10.72 40.76
N TYR A 308 2.71 -11.79 40.76
CA TYR A 308 2.07 -12.31 39.51
C TYR A 308 0.96 -11.37 39.00
N ILE A 309 0.53 -10.40 39.80
CA ILE A 309 -0.62 -9.50 39.45
C ILE A 309 -0.15 -8.41 38.47
N ASN A 310 1.13 -8.04 38.51
CA ASN A 310 1.66 -6.96 37.64
C ASN A 310 1.42 -7.37 36.20
N SER A 311 1.42 -8.66 35.92
CA SER A 311 1.08 -9.05 34.54
C SER A 311 -0.31 -8.58 34.18
N THR A 312 -1.32 -8.76 35.04
CA THR A 312 -2.70 -8.37 34.62
C THR A 312 -2.84 -6.86 34.46
N ILE A 313 -2.20 -6.05 35.32
CA ILE A 313 -2.26 -4.56 35.26
C ILE A 313 -1.48 -4.09 34.03
N ASN A 314 -0.52 -4.87 33.55
CA ASN A 314 0.35 -4.44 32.42
C ASN A 314 -0.37 -4.14 31.12
N PRO A 315 -1.42 -4.86 30.66
CA PRO A 315 -2.12 -4.46 29.44
C PRO A 315 -2.78 -3.08 29.59
N ALA A 316 -3.45 -2.82 30.70
CA ALA A 316 -4.15 -1.54 30.86
C ALA A 316 -3.17 -0.38 30.95
N CYS A 317 -2.15 -0.48 31.79
CA CYS A 317 -1.22 0.64 31.99
C CYS A 317 -0.45 0.95 30.70
N TYR A 318 -0.36 0.00 29.77
CA TYR A 318 0.49 0.23 28.58
C TYR A 318 -0.28 0.22 27.25
N ALA A 319 -1.53 -0.28 27.22
CA ALA A 319 -2.35 -0.20 25.98
C ALA A 319 -3.73 0.42 26.22
N LEU A 320 -4.12 0.65 27.46
CA LEU A 320 -5.39 1.38 27.67
C LEU A 320 -5.07 2.85 27.49
N CYS A 321 -4.02 3.31 28.14
CA CYS A 321 -3.71 4.74 28.08
C CYS A 321 -3.63 5.23 26.64
N ASN A 322 -3.01 4.44 25.77
CA ASN A 322 -2.86 4.83 24.37
C ASN A 322 -4.23 4.96 23.71
N ALA A 323 -4.44 6.07 23.00
CA ALA A 323 -5.73 6.30 22.35
C ALA A 323 -5.92 5.37 21.16
N THR A 324 -4.87 5.17 20.36
CA THR A 324 -4.98 4.33 19.18
C THR A 324 -5.31 2.88 19.55
N PHE A 325 -4.64 2.37 20.59
CA PHE A 325 -4.91 1.02 21.04
C PHE A 325 -6.33 0.87 21.55
N LYS A 326 -6.82 1.87 22.30
CA LYS A 326 -8.18 1.83 22.82
C LYS A 326 -9.20 1.81 21.68
N LYS A 327 -8.96 2.62 20.64
CA LYS A 327 -9.86 2.62 19.49
C LYS A 327 -9.77 1.32 18.70
N THR A 328 -8.61 0.65 18.75
CA THR A 328 -8.43 -0.58 18.01
C THR A 328 -9.34 -1.69 18.55
N PHE A 329 -9.49 -1.76 19.88
CA PHE A 329 -10.31 -2.80 20.48
C PHE A 329 -11.76 -2.71 20.02
N LYS A 330 -12.22 -1.49 19.71
CA LYS A 330 -13.60 -1.32 19.27
C LYS A 330 -13.87 -2.08 17.98
N HIS A 331 -12.95 -1.99 17.02
CA HIS A 331 -13.12 -2.73 15.77
C HIS A 331 -13.02 -4.23 16.00
N LEU A 332 -12.10 -4.65 16.87
CA LEU A 332 -11.96 -6.07 17.17
C LEU A 332 -13.21 -6.64 17.81
N LEU A 333 -13.81 -5.89 18.75
CA LEU A 333 -15.06 -6.33 19.33
C LEU A 333 -16.21 -6.31 18.33
N MET A 334 -16.17 -5.38 17.38
CA MET A 334 -17.16 -5.34 16.31
C MET A 334 -16.90 -6.48 15.32
N CYS A 335 -17.99 -6.96 14.71
CA CYS A 335 -17.96 -8.02 13.71
C CYS A 335 -17.40 -9.27 14.35
N HIS A 336 -17.48 -9.44 15.67
CA HIS A 336 -16.94 -10.63 16.33
C HIS A 336 -17.97 -11.76 16.35
N THR B 4 9.16 -27.85 -2.88
CA THR B 4 9.15 -26.45 -3.30
C THR B 4 8.10 -26.21 -4.37
N LEU B 5 8.12 -27.07 -5.40
CA LEU B 5 7.18 -27.07 -6.52
C LEU B 5 7.40 -25.89 -7.47
N SER B 6 8.30 -24.96 -7.13
CA SER B 6 8.54 -23.77 -7.93
C SER B 6 9.68 -24.04 -8.90
N ALA B 7 9.45 -23.72 -10.18
CA ALA B 7 10.47 -23.88 -11.23
C ALA B 7 10.47 -22.60 -12.06
N GLU B 8 11.57 -21.85 -11.97
CA GLU B 8 11.77 -20.55 -12.62
C GLU B 8 10.89 -19.50 -11.94
N ASP B 9 10.00 -19.94 -11.04
CA ASP B 9 9.28 -19.00 -10.20
C ASP B 9 10.13 -18.51 -9.04
N LYS B 10 11.19 -19.26 -8.72
CA LYS B 10 12.14 -18.79 -7.73
C LYS B 10 12.87 -17.55 -8.21
N ALA B 11 12.94 -17.35 -9.53
CA ALA B 11 13.58 -16.17 -10.10
C ALA B 11 12.67 -14.95 -10.12
N ALA B 12 11.38 -15.12 -9.87
CA ALA B 12 10.48 -13.99 -9.74
C ALA B 12 10.29 -13.56 -8.28
N VAL B 13 10.39 -14.49 -7.34
CA VAL B 13 10.33 -14.15 -5.93
C VAL B 13 11.51 -13.26 -5.55
N GLU B 14 12.68 -13.51 -6.15
CA GLU B 14 13.82 -12.63 -5.90
C GLU B 14 13.53 -11.21 -6.34
N ARG B 15 12.93 -11.04 -7.52
CA ARG B 15 12.54 -9.72 -7.98
C ARG B 15 11.53 -9.07 -7.03
N SER B 16 10.55 -9.86 -6.58
CA SER B 16 9.54 -9.34 -5.66
C SER B 16 10.17 -8.85 -4.37
N LYS B 17 11.06 -9.64 -3.78
CA LYS B 17 11.72 -9.23 -2.55
C LYS B 17 12.64 -8.03 -2.77
N MET B 18 13.31 -7.97 -3.92
CA MET B 18 14.16 -6.82 -4.21
C MET B 18 13.34 -5.54 -4.25
N ILE B 19 12.20 -5.56 -4.94
CA ILE B 19 11.42 -4.33 -4.99
C ILE B 19 10.67 -4.07 -3.69
N GLU B 20 10.36 -5.10 -2.89
CA GLU B 20 9.83 -4.86 -1.57
C GLU B 20 10.84 -4.12 -0.70
N LYS B 21 12.11 -4.54 -0.76
CA LYS B 21 13.15 -3.82 -0.05
C LYS B 21 13.28 -2.39 -0.56
N ASN B 22 13.19 -2.21 -1.89
CA ASN B 22 13.27 -0.87 -2.45
C ASN B 22 12.17 0.03 -1.91
N LEU B 23 10.93 -0.48 -1.88
CA LEU B 23 9.82 0.29 -1.33
C LEU B 23 10.01 0.59 0.14
N LYS B 24 10.53 -0.38 0.90
CA LYS B 24 10.74 -0.16 2.33
C LYS B 24 11.74 0.97 2.57
N GLU B 25 12.87 0.91 1.85
CA GLU B 25 13.92 1.95 2.00
C GLU B 25 13.37 3.30 1.53
N ASP B 26 12.60 3.31 0.44
CA ASP B 26 12.04 4.57 -0.06
C ASP B 26 11.08 5.18 0.94
N GLY B 27 10.24 4.36 1.57
CA GLY B 27 9.33 4.87 2.59
C GLY B 27 10.06 5.39 3.80
N ILE B 28 11.09 4.68 4.25
CA ILE B 28 11.89 5.16 5.38
C ILE B 28 12.54 6.50 5.05
N SER B 29 13.10 6.64 3.85
CA SER B 29 13.75 7.89 3.48
C SER B 29 12.76 9.02 3.25
N ALA B 30 11.54 8.71 2.82
CA ALA B 30 10.54 9.73 2.54
C ALA B 30 9.58 9.97 3.69
N ALA B 31 9.79 9.33 4.83
CA ALA B 31 8.98 9.59 6.01
C ALA B 31 9.64 10.60 6.95
N LYS B 32 10.80 11.15 6.58
CA LYS B 32 11.54 12.04 7.45
C LYS B 32 11.40 13.51 7.05
N ASP B 33 10.53 13.83 6.09
CA ASP B 33 10.30 15.21 5.68
C ASP B 33 8.97 15.66 6.26
N VAL B 34 8.99 16.78 6.97
CA VAL B 34 7.77 17.32 7.55
C VAL B 34 6.98 18.06 6.48
N LYS B 35 5.70 17.73 6.35
CA LYS B 35 4.84 18.33 5.34
C LYS B 35 3.95 19.38 5.97
N LEU B 36 3.80 20.50 5.28
CA LEU B 36 2.98 21.61 5.73
C LEU B 36 2.02 22.04 4.63
N LEU B 37 0.92 22.65 5.02
CA LEU B 37 -0.07 23.19 4.10
C LEU B 37 -0.25 24.68 4.36
N LEU B 38 -0.58 25.41 3.30
CA LEU B 38 -0.73 26.87 3.39
C LEU B 38 -2.09 27.27 2.83
N LEU B 39 -2.90 27.91 3.67
CA LEU B 39 -4.20 28.45 3.27
C LEU B 39 -4.19 29.97 3.39
N GLY B 40 -5.36 30.56 3.20
CA GLY B 40 -5.47 32.01 3.29
C GLY B 40 -6.71 32.50 2.57
N ALA B 41 -6.59 33.69 2.00
CA ALA B 41 -7.66 34.29 1.22
C ALA B 41 -7.06 35.31 0.26
N GLY B 42 -7.93 35.97 -0.50
CA GLY B 42 -7.50 36.99 -1.42
C GLY B 42 -6.80 38.15 -0.73
N GLU B 43 -5.58 38.48 -1.16
CA GLU B 43 -4.79 39.55 -0.57
C GLU B 43 -4.65 39.31 0.94
N SER B 44 -4.16 38.13 1.30
CA SER B 44 -3.91 37.77 2.69
C SER B 44 -2.44 37.86 3.08
N GLY B 45 -1.58 38.29 2.16
CA GLY B 45 -0.17 38.40 2.46
C GLY B 45 0.58 37.09 2.47
N LYS B 46 0.01 36.02 1.92
CA LYS B 46 0.71 34.74 1.89
C LYS B 46 1.82 34.75 0.85
N SER B 47 1.70 35.58 -0.19
CA SER B 47 2.76 35.70 -1.17
C SER B 47 4.03 36.24 -0.52
N THR B 48 3.88 37.19 0.40
CA THR B 48 5.03 37.78 1.06
C THR B 48 5.85 36.76 1.84
N ILE B 49 5.20 35.78 2.47
CA ILE B 49 5.89 34.78 3.26
C ILE B 49 6.36 33.61 2.40
N VAL B 50 5.63 33.26 1.34
CA VAL B 50 6.09 32.19 0.47
C VAL B 50 7.32 32.64 -0.31
N LYS B 51 7.40 33.93 -0.64
CA LYS B 51 8.60 34.47 -1.25
C LYS B 51 9.67 34.86 -0.24
N GLN B 52 9.35 34.81 1.05
CA GLN B 52 10.32 35.07 2.10
C GLN B 52 11.14 33.83 2.45
N MET B 53 10.76 32.66 1.95
CA MET B 53 11.45 31.41 2.22
C MET B 53 12.57 31.24 1.22
N LYS B 54 13.82 31.26 1.70
CA LYS B 54 14.99 31.14 0.85
C LYS B 54 15.63 29.78 1.08
N ILE B 55 15.90 29.06 -0.01
CA ILE B 55 16.50 27.75 0.04
C ILE B 55 17.95 27.84 0.50
N THR B 183 0.12 25.75 -13.59
CA THR B 183 -1.13 25.46 -12.89
C THR B 183 -0.97 24.19 -12.05
N GLY B 184 -1.56 24.19 -10.86
CA GLY B 184 -1.52 23.05 -9.97
C GLY B 184 -0.93 23.41 -8.62
N ILE B 185 -0.45 22.38 -7.94
CA ILE B 185 0.18 22.54 -6.64
C ILE B 185 1.61 23.01 -6.81
N VAL B 186 1.91 24.20 -6.30
CA VAL B 186 3.28 24.71 -6.32
C VAL B 186 4.00 24.24 -5.06
N GLU B 187 4.58 23.06 -5.13
CA GLU B 187 5.28 22.45 -3.99
C GLU B 187 6.59 23.19 -3.75
N THR B 188 6.67 23.90 -2.63
CA THR B 188 7.89 24.60 -2.26
C THR B 188 8.70 23.77 -1.28
N HIS B 189 10.01 23.71 -1.49
CA HIS B 189 10.92 22.90 -0.71
C HIS B 189 12.08 23.74 -0.17
N PHE B 190 12.41 23.51 1.09
CA PHE B 190 13.57 24.14 1.70
C PHE B 190 13.98 23.33 2.93
N THR B 191 15.10 23.72 3.52
CA THR B 191 15.64 23.03 4.69
C THR B 191 16.00 24.04 5.77
N PHE B 192 15.91 23.62 7.02
CA PHE B 192 16.26 24.47 8.15
C PHE B 192 16.57 23.58 9.34
N LYS B 193 17.77 23.76 9.91
CA LYS B 193 18.23 22.98 11.05
C LYS B 193 18.13 21.48 10.76
N ASN B 194 18.54 21.09 9.55
CA ASN B 194 18.53 19.70 9.10
C ASN B 194 17.13 19.09 9.23
N LEU B 195 16.14 19.81 8.72
CA LEU B 195 14.75 19.33 8.72
C LEU B 195 14.17 19.59 7.34
N HIS B 196 13.81 18.52 6.63
CA HIS B 196 13.28 18.63 5.27
C HIS B 196 11.85 19.16 5.32
N PHE B 197 11.65 20.36 4.76
CA PHE B 197 10.36 21.02 4.77
C PHE B 197 9.69 20.91 3.41
N ARG B 198 8.35 20.85 3.44
CA ARG B 198 7.56 20.78 2.22
C ARG B 198 6.31 21.62 2.43
N LEU B 199 6.22 22.74 1.72
CA LEU B 199 5.10 23.67 1.84
C LEU B 199 4.23 23.52 0.60
N PHE B 200 3.05 22.91 0.77
CA PHE B 200 2.18 22.59 -0.36
C PHE B 200 1.15 23.70 -0.59
N ASP B 201 1.63 24.81 -1.16
CA ASP B 201 0.73 25.87 -1.59
C ASP B 201 -0.21 25.36 -2.67
N VAL B 202 -1.52 25.46 -2.41
CA VAL B 202 -2.52 24.84 -3.26
C VAL B 202 -3.59 25.81 -3.74
N GLY B 203 -3.59 27.04 -3.24
CA GLY B 203 -4.64 28.00 -3.57
C GLY B 203 -4.91 28.19 -5.05
N GLY B 204 -3.94 27.84 -5.90
CA GLY B 204 -4.13 27.92 -7.33
C GLY B 204 -5.24 27.10 -7.96
N GLN B 205 -5.85 26.18 -7.22
CA GLN B 205 -6.95 25.39 -7.74
C GLN B 205 -8.19 26.28 -7.93
N ARG B 206 -9.00 25.92 -8.92
CA ARG B 206 -10.23 26.66 -9.22
C ARG B 206 -11.35 25.64 -9.36
N SER B 207 -11.98 25.30 -8.24
CA SER B 207 -13.07 24.34 -8.20
C SER B 207 -13.71 24.35 -6.82
N GLU B 208 -14.67 23.45 -6.58
CA GLU B 208 -15.21 23.28 -5.24
C GLU B 208 -14.12 22.73 -4.34
N ARG B 209 -13.84 23.43 -3.24
CA ARG B 209 -12.69 23.09 -2.42
C ARG B 209 -12.84 21.72 -1.78
N LYS B 210 -14.00 21.44 -1.18
CA LYS B 210 -14.16 20.29 -0.29
C LYS B 210 -13.86 18.95 -0.96
N LYS B 211 -13.63 18.92 -2.27
CA LYS B 211 -13.43 17.66 -2.96
C LYS B 211 -12.02 17.11 -2.83
N TRP B 212 -11.03 17.94 -2.50
CA TRP B 212 -9.64 17.48 -2.54
C TRP B 212 -8.83 17.74 -1.27
N ILE B 213 -9.44 18.27 -0.20
CA ILE B 213 -8.66 18.44 1.02
C ILE B 213 -8.22 17.11 1.61
N HIS B 214 -9.07 16.08 1.54
CA HIS B 214 -8.74 14.81 2.17
C HIS B 214 -7.47 14.18 1.59
N CYS B 215 -7.04 14.63 0.40
CA CYS B 215 -5.71 14.25 -0.07
C CYS B 215 -4.62 14.77 0.87
N PHE B 216 -4.83 15.94 1.45
CA PHE B 216 -3.85 16.58 2.33
C PHE B 216 -4.04 16.22 3.78
N GLU B 217 -4.64 15.08 4.10
CA GLU B 217 -4.73 14.64 5.48
C GLU B 217 -3.36 14.19 5.95
N ASP B 218 -3.17 14.11 7.26
CA ASP B 218 -1.93 13.60 7.86
C ASP B 218 -0.79 14.57 7.56
N VAL B 219 -1.13 15.82 7.27
CA VAL B 219 -0.09 16.85 7.28
C VAL B 219 0.23 17.20 8.73
N THR B 220 1.43 17.74 8.94
CA THR B 220 1.90 18.07 10.27
C THR B 220 1.26 19.31 10.86
N ALA B 221 0.93 20.30 10.04
CA ALA B 221 0.36 21.55 10.53
C ALA B 221 -0.29 22.26 9.35
N ILE B 222 -0.85 23.45 9.63
CA ILE B 222 -1.45 24.29 8.61
C ILE B 222 -0.99 25.73 8.87
N ILE B 223 -0.44 26.37 7.85
CA ILE B 223 -0.08 27.78 7.93
C ILE B 223 -1.28 28.60 7.45
N PHE B 224 -1.83 29.41 8.34
CA PHE B 224 -3.01 30.21 8.04
C PHE B 224 -2.62 31.69 8.15
N CYS B 225 -2.78 32.43 7.06
CA CYS B 225 -2.39 33.82 6.99
C CYS B 225 -3.64 34.69 6.95
N VAL B 226 -3.70 35.68 7.84
CA VAL B 226 -4.80 36.63 7.88
C VAL B 226 -4.22 38.04 7.84
N ALA B 227 -4.74 38.85 6.92
CA ALA B 227 -4.33 40.24 6.81
C ALA B 227 -5.14 41.08 7.80
N LEU B 228 -4.45 41.90 8.58
CA LEU B 228 -5.08 42.73 9.60
C LEU B 228 -5.67 44.02 9.04
N SER B 229 -5.84 44.10 7.72
CA SER B 229 -6.53 45.23 7.09
C SER B 229 -7.96 44.77 6.80
N GLY B 230 -8.77 44.68 7.86
CA GLY B 230 -10.13 44.23 7.72
C GLY B 230 -11.14 45.36 7.84
N TYR B 231 -10.82 46.51 7.26
CA TYR B 231 -11.68 47.68 7.28
C TYR B 231 -12.14 47.99 5.86
N ASP B 232 -12.50 46.94 5.12
CA ASP B 232 -12.85 47.05 3.71
C ASP B 232 -13.88 45.97 3.38
N GLN B 233 -14.50 46.11 2.21
CA GLN B 233 -15.50 45.16 1.74
C GLN B 233 -15.10 44.64 0.37
N VAL B 234 -15.46 43.40 0.08
CA VAL B 234 -15.18 42.80 -1.21
C VAL B 234 -16.48 42.32 -1.86
N THR B 241 -19.13 41.58 1.30
CA THR B 241 -19.09 41.41 2.75
C THR B 241 -17.75 41.87 3.31
N ASN B 242 -17.70 42.08 4.62
CA ASN B 242 -16.47 42.49 5.27
C ASN B 242 -15.41 41.40 5.15
N ARG B 243 -14.15 41.82 4.92
CA ARG B 243 -13.09 40.86 4.68
C ARG B 243 -12.80 40.01 5.91
N MET B 244 -12.77 40.63 7.09
CA MET B 244 -12.50 39.85 8.30
C MET B 244 -13.65 38.91 8.62
N HIS B 245 -14.87 39.28 8.22
CA HIS B 245 -16.00 38.36 8.36
C HIS B 245 -15.78 37.13 7.49
N GLU B 246 -15.30 37.33 6.25
CA GLU B 246 -14.99 36.21 5.39
C GLU B 246 -13.87 35.35 5.96
N SER B 247 -12.84 35.99 6.52
CA SER B 247 -11.74 35.22 7.11
C SER B 247 -12.22 34.42 8.31
N LEU B 248 -13.08 35.01 9.16
CA LEU B 248 -13.64 34.27 10.27
C LEU B 248 -14.47 33.09 9.81
N MET B 249 -15.30 33.30 8.78
CA MET B 249 -16.10 32.20 8.26
C MET B 249 -15.23 31.07 7.72
N LEU B 250 -14.18 31.44 6.98
CA LEU B 250 -13.30 30.41 6.42
C LEU B 250 -12.54 29.66 7.51
N PHE B 251 -12.07 30.40 8.53
CA PHE B 251 -11.36 29.75 9.63
C PHE B 251 -12.29 28.82 10.40
N ASP B 252 -13.53 29.25 10.62
CA ASP B 252 -14.49 28.37 11.29
C ASP B 252 -14.78 27.13 10.46
N SER B 253 -14.85 27.29 9.14
CA SER B 253 -15.12 26.15 8.26
C SER B 253 -13.96 25.17 8.25
N ILE B 254 -12.73 25.67 8.23
CA ILE B 254 -11.55 24.82 8.05
C ILE B 254 -10.97 24.38 9.39
N CYS B 255 -11.51 24.90 10.50
CA CYS B 255 -11.02 24.53 11.83
C CYS B 255 -11.85 23.47 12.51
N ASN B 256 -13.10 23.25 12.08
CA ASN B 256 -13.95 22.21 12.63
C ASN B 256 -14.25 21.12 11.63
N ASN B 257 -13.45 21.00 10.58
CA ASN B 257 -13.60 19.92 9.61
C ASN B 257 -13.34 18.56 10.28
N LYS B 258 -13.96 17.52 9.72
CA LYS B 258 -13.81 16.19 10.31
C LYS B 258 -12.39 15.67 10.17
N PHE B 259 -11.66 16.09 9.13
CA PHE B 259 -10.32 15.59 8.91
C PHE B 259 -9.31 16.23 9.85
N PHE B 260 -9.49 17.51 10.17
CA PHE B 260 -8.53 18.26 10.95
C PHE B 260 -8.91 18.39 12.42
N ILE B 261 -9.50 17.35 13.01
CA ILE B 261 -9.76 17.39 14.45
C ILE B 261 -8.46 17.47 15.23
N ASP B 262 -7.45 16.68 14.86
CA ASP B 262 -6.19 16.62 15.59
C ASP B 262 -5.06 17.37 14.91
N THR B 263 -5.36 18.16 13.88
CA THR B 263 -4.33 18.86 13.09
C THR B 263 -4.19 20.29 13.62
N SER B 264 -3.04 20.58 14.23
CA SER B 264 -2.80 21.92 14.74
C SER B 264 -2.71 22.93 13.61
N ILE B 265 -3.18 24.14 13.87
CA ILE B 265 -3.24 25.20 12.86
C ILE B 265 -2.36 26.35 13.33
N ILE B 266 -1.34 26.68 12.54
CA ILE B 266 -0.50 27.84 12.82
C ILE B 266 -1.16 29.08 12.23
N LEU B 267 -1.32 30.11 13.05
CA LEU B 267 -2.01 31.33 12.65
C LEU B 267 -1.00 32.46 12.53
N PHE B 268 -0.85 32.99 11.32
CA PHE B 268 -0.04 34.17 11.08
C PHE B 268 -0.92 35.39 10.90
N LEU B 269 -0.57 36.47 11.59
CA LEU B 269 -1.22 37.76 11.39
C LEU B 269 -0.24 38.67 10.68
N ASN B 270 -0.64 39.15 9.49
CA ASN B 270 0.25 39.91 8.63
C ASN B 270 -0.23 41.34 8.54
N LYS B 271 0.67 42.21 8.06
CA LYS B 271 0.41 43.63 7.87
C LYS B 271 0.01 44.29 9.19
N LYS B 272 0.87 44.13 10.19
CA LYS B 272 0.64 44.78 11.48
C LYS B 272 0.87 46.29 11.40
N ASP B 273 1.83 46.73 10.58
CA ASP B 273 2.10 48.15 10.46
C ASP B 273 0.92 48.89 9.83
N LEU B 274 0.34 48.30 8.78
CA LEU B 274 -0.81 48.94 8.12
C LEU B 274 -1.99 49.03 9.07
N PHE B 275 -2.26 47.96 9.83
CA PHE B 275 -3.36 47.98 10.78
C PHE B 275 -3.12 49.01 11.89
N GLY B 276 -1.90 49.06 12.41
CA GLY B 276 -1.58 50.06 13.42
C GLY B 276 -1.72 51.48 12.92
N GLU B 277 -1.30 51.72 11.68
CA GLU B 277 -1.45 53.05 11.08
C GLU B 277 -2.92 53.40 10.89
N LYS B 278 -3.72 52.45 10.40
CA LYS B 278 -5.13 52.70 10.14
C LYS B 278 -5.94 52.88 11.41
N ILE B 279 -5.55 52.23 12.51
CA ILE B 279 -6.34 52.32 13.72
C ILE B 279 -6.23 53.69 14.37
N LYS B 280 -5.28 54.52 13.93
CA LYS B 280 -5.18 55.87 14.47
C LYS B 280 -6.38 56.72 14.08
N LYS B 281 -6.89 56.55 12.86
CA LYS B 281 -8.03 57.32 12.38
C LYS B 281 -9.36 56.62 12.65
N SER B 282 -9.45 55.35 12.29
CA SER B 282 -10.70 54.60 12.38
C SER B 282 -10.64 53.58 13.50
N PRO B 283 -11.70 53.46 14.28
CA PRO B 283 -11.69 52.51 15.41
C PRO B 283 -12.06 51.10 14.98
N LEU B 284 -11.96 50.14 15.91
CA LEU B 284 -12.31 48.75 15.63
C LEU B 284 -13.81 48.53 15.56
N THR B 285 -14.61 49.41 16.16
CA THR B 285 -16.07 49.24 16.13
C THR B 285 -16.66 49.43 14.76
N ILE B 286 -15.88 49.92 13.79
CA ILE B 286 -16.39 50.10 12.44
C ILE B 286 -16.65 48.74 11.78
N CYS B 287 -16.10 47.68 12.34
CA CYS B 287 -16.35 46.34 11.83
C CYS B 287 -16.93 45.38 12.86
N PHE B 288 -16.68 45.59 14.16
CA PHE B 288 -17.20 44.74 15.23
C PHE B 288 -18.12 45.57 16.13
N PRO B 289 -19.42 45.49 15.93
CA PRO B 289 -20.35 46.18 16.85
C PRO B 289 -20.28 45.68 18.28
N GLU B 290 -19.98 44.40 18.49
CA GLU B 290 -19.90 43.86 19.84
C GLU B 290 -18.71 44.35 20.63
N TYR B 291 -17.63 44.76 19.96
CA TYR B 291 -16.40 45.13 20.65
C TYR B 291 -16.59 46.42 21.44
N THR B 292 -16.03 46.42 22.66
CA THR B 292 -16.03 47.60 23.51
C THR B 292 -14.64 47.75 24.11
N GLY B 293 -14.22 49.00 24.31
CA GLY B 293 -12.93 49.27 24.88
C GLY B 293 -12.19 50.40 24.18
N PRO B 294 -10.88 50.46 24.35
CA PRO B 294 -10.10 51.56 23.77
C PRO B 294 -9.86 51.38 22.28
N ASN B 295 -9.10 52.31 21.69
CA ASN B 295 -8.71 52.26 20.29
C ASN B 295 -7.19 52.24 20.16
N THR B 296 -6.54 51.40 20.96
CA THR B 296 -5.09 51.30 20.94
C THR B 296 -4.64 50.02 20.25
N TYR B 297 -3.37 50.00 19.86
CA TYR B 297 -2.83 48.90 19.06
C TYR B 297 -2.86 47.57 19.82
N GLU B 298 -2.28 47.53 21.02
CA GLU B 298 -2.07 46.26 21.70
C GLU B 298 -3.40 45.60 22.06
N ASP B 299 -4.33 46.38 22.62
CA ASP B 299 -5.62 45.81 23.02
C ASP B 299 -6.45 45.34 21.82
N ALA B 300 -6.45 46.11 20.73
CA ALA B 300 -7.16 45.67 19.54
C ALA B 300 -6.55 44.40 18.96
N ALA B 301 -5.22 44.32 18.92
CA ALA B 301 -4.57 43.11 18.43
C ALA B 301 -4.93 41.91 19.30
N ALA B 302 -4.93 42.11 20.62
CA ALA B 302 -5.29 41.02 21.52
C ALA B 302 -6.73 40.59 21.30
N TYR B 303 -7.64 41.55 21.09
CA TYR B 303 -9.04 41.21 20.84
C TYR B 303 -9.19 40.41 19.55
N ILE B 304 -8.50 40.82 18.48
CA ILE B 304 -8.58 40.09 17.22
C ILE B 304 -8.03 38.68 17.39
N GLN B 305 -6.90 38.56 18.09
CA GLN B 305 -6.32 37.24 18.31
C GLN B 305 -7.25 36.35 19.11
N ALA B 306 -7.89 36.89 20.14
CA ALA B 306 -8.83 36.10 20.93
C ALA B 306 -10.03 35.68 20.07
N GLN B 307 -10.52 36.58 19.22
CA GLN B 307 -11.64 36.24 18.37
C GLN B 307 -11.31 35.10 17.42
N PHE B 308 -10.11 35.13 16.81
CA PHE B 308 -9.71 34.03 15.95
C PHE B 308 -9.48 32.74 16.74
N GLU B 309 -8.86 32.85 17.92
CA GLU B 309 -8.47 31.66 18.67
C GLU B 309 -9.65 30.96 19.33
N SER B 310 -10.71 31.68 19.70
CA SER B 310 -11.83 31.06 20.38
C SER B 310 -12.75 30.29 19.44
N LYS B 311 -12.36 30.10 18.18
CA LYS B 311 -13.22 29.43 17.21
C LYS B 311 -13.05 27.91 17.21
N ASN B 312 -12.04 27.38 17.90
CA ASN B 312 -11.82 25.94 17.92
C ASN B 312 -12.57 25.33 19.10
N ARG B 313 -13.24 24.20 18.85
CA ARG B 313 -14.00 23.51 19.89
C ARG B 313 -13.38 22.20 20.34
N SER B 314 -12.49 21.61 19.54
CA SER B 314 -11.84 20.37 19.93
C SER B 314 -10.74 20.65 20.95
N PRO B 315 -10.55 19.74 21.90
CA PRO B 315 -9.52 19.93 22.94
C PRO B 315 -8.17 19.26 22.66
N ASN B 316 -7.98 18.66 21.48
CA ASN B 316 -6.73 18.01 21.14
C ASN B 316 -5.77 18.95 20.42
N LYS B 317 -6.21 19.53 19.31
CA LYS B 317 -5.35 20.41 18.53
C LYS B 317 -5.19 21.76 19.23
N GLU B 318 -4.07 22.42 18.93
CA GLU B 318 -3.74 23.71 19.51
C GLU B 318 -3.42 24.69 18.39
N ILE B 319 -3.67 25.97 18.65
CA ILE B 319 -3.48 27.03 17.68
C ILE B 319 -2.34 27.92 18.14
N TYR B 320 -1.37 28.13 17.25
CA TYR B 320 -0.22 28.98 17.51
C TYR B 320 -0.36 30.26 16.72
N CYS B 321 -0.13 31.40 17.36
CA CYS B 321 -0.38 32.70 16.76
C CYS B 321 0.92 33.49 16.68
N HIS B 322 1.01 34.35 15.66
CA HIS B 322 2.19 35.21 15.48
C HIS B 322 1.77 36.44 14.68
N MET B 323 2.60 37.48 14.76
CA MET B 323 2.34 38.72 14.04
C MET B 323 3.63 39.21 13.39
N THR B 324 3.58 39.41 12.07
CA THR B 324 4.74 39.89 11.30
C THR B 324 4.25 40.79 10.17
N CYS B 325 5.16 41.63 9.67
CA CYS B 325 4.84 42.53 8.55
C CYS B 325 6.10 42.75 7.72
N ALA B 326 6.29 41.93 6.70
CA ALA B 326 7.44 42.02 5.81
C ALA B 326 8.74 42.12 6.59
N THR B 327 8.83 41.37 7.69
CA THR B 327 9.98 41.54 8.62
C THR B 327 11.17 40.65 8.26
N ASP B 328 12.02 40.35 9.25
CA ASP B 328 13.27 39.58 8.98
C ASP B 328 12.99 38.08 8.92
N THR B 329 14.04 37.26 8.96
CA THR B 329 13.92 35.80 8.84
C THR B 329 13.07 35.17 9.92
N ASN B 330 12.59 35.93 10.89
CA ASN B 330 11.77 35.39 11.97
C ASN B 330 10.60 34.52 11.50
N ASN B 331 10.18 34.68 10.25
CA ASN B 331 9.02 33.95 9.76
C ASN B 331 9.27 32.45 9.65
N ILE B 332 10.52 32.02 9.66
CA ILE B 332 10.80 30.60 9.47
C ILE B 332 11.07 29.90 10.80
N GLN B 333 11.72 30.59 11.74
CA GLN B 333 12.02 29.96 13.01
C GLN B 333 10.77 29.73 13.85
N VAL B 334 9.76 30.60 13.75
CA VAL B 334 8.50 30.35 14.43
C VAL B 334 7.85 29.08 13.90
N VAL B 335 7.88 28.90 12.58
CA VAL B 335 7.36 27.67 11.98
C VAL B 335 8.13 26.46 12.50
N PHE B 336 9.46 26.58 12.57
CA PHE B 336 10.25 25.47 13.07
C PHE B 336 9.89 25.11 14.50
N ASP B 337 9.74 26.12 15.36
CA ASP B 337 9.38 25.87 16.76
C ASP B 337 8.02 25.20 16.86
N ALA B 338 7.05 25.69 16.09
CA ALA B 338 5.71 25.10 16.12
C ALA B 338 5.75 23.65 15.65
N VAL B 339 6.53 23.36 14.61
CA VAL B 339 6.64 21.99 14.12
C VAL B 339 7.26 21.09 15.19
N THR B 340 8.31 21.57 15.86
CA THR B 340 8.92 20.75 16.91
C THR B 340 7.92 20.45 18.02
N ASP B 341 7.13 21.46 18.40
CA ASP B 341 6.14 21.26 19.50
C ASP B 341 5.09 20.23 19.05
N ILE B 342 4.64 20.33 17.79
CA ILE B 342 3.64 19.38 17.30
C ILE B 342 4.20 17.97 17.24
N ILE B 343 5.46 17.82 16.82
CA ILE B 343 6.07 16.49 16.78
C ILE B 343 6.21 15.91 18.18
N ILE B 344 6.58 16.74 19.15
CA ILE B 344 6.68 16.26 20.52
C ILE B 344 5.31 15.79 21.01
N ALA B 345 4.26 16.57 20.75
CA ALA B 345 2.92 16.15 21.16
C ALA B 345 2.52 14.85 20.49
N ASN B 346 2.84 14.70 19.20
CA ASN B 346 2.52 13.46 18.49
C ASN B 346 3.24 12.27 19.09
N ASN B 347 4.52 12.44 19.47
CA ASN B 347 5.27 11.36 20.08
C ASN B 347 4.68 10.96 21.41
N LEU B 348 4.30 11.94 22.24
CA LEU B 348 3.67 11.62 23.52
C LEU B 348 2.35 10.87 23.31
N ARG B 349 1.54 11.32 22.35
CA ARG B 349 0.27 10.64 22.11
C ARG B 349 0.49 9.22 21.58
N GLY B 350 1.47 9.04 20.70
CA GLY B 350 1.73 7.72 20.15
C GLY B 350 2.29 6.74 21.17
N CYS B 351 3.18 7.23 22.05
CA CYS B 351 3.75 6.36 23.07
C CYS B 351 2.72 5.93 24.11
N GLY B 352 1.55 6.56 24.12
CA GLY B 352 0.54 6.26 25.10
C GLY B 352 0.73 6.97 26.43
N LEU B 353 1.79 7.76 26.57
CA LEU B 353 2.09 8.48 27.80
C LEU B 353 1.20 9.70 27.99
N TYR B 354 0.64 10.21 26.90
CA TYR B 354 -0.17 11.43 26.93
C TYR B 354 -1.48 11.22 27.67
N GLU C 8 -35.12 38.13 -27.12
CA GLU C 8 -34.20 38.61 -26.10
C GLU C 8 -34.08 37.64 -24.94
N LEU C 9 -33.79 38.18 -23.75
CA LEU C 9 -33.66 37.34 -22.56
C LEU C 9 -34.98 36.67 -22.22
N ASP C 10 -36.09 37.41 -22.31
CA ASP C 10 -37.39 36.83 -22.00
C ASP C 10 -37.75 35.71 -22.98
N GLN C 11 -37.46 35.92 -24.27
CA GLN C 11 -37.75 34.88 -25.26
C GLN C 11 -36.93 33.62 -24.99
N LEU C 12 -35.65 33.79 -24.66
CA LEU C 12 -34.80 32.64 -24.37
C LEU C 12 -35.28 31.90 -23.12
N ARG C 13 -35.66 32.65 -22.08
CA ARG C 13 -36.19 32.01 -20.88
C ARG C 13 -37.48 31.25 -21.17
N GLN C 14 -38.36 31.84 -21.98
CA GLN C 14 -39.61 31.16 -22.33
C GLN C 14 -39.33 29.90 -23.14
N GLU C 15 -38.39 29.96 -24.07
CA GLU C 15 -38.05 28.78 -24.86
C GLU C 15 -37.47 27.68 -23.98
N ALA C 16 -36.59 28.04 -23.04
CA ALA C 16 -36.03 27.04 -22.14
C ALA C 16 -37.10 26.42 -21.26
N GLU C 17 -38.02 27.25 -20.73
CA GLU C 17 -39.10 26.73 -19.89
C GLU C 17 -40.01 25.80 -20.68
N GLN C 18 -40.35 26.19 -21.92
CA GLN C 18 -41.20 25.34 -22.75
C GLN C 18 -40.51 24.01 -23.05
N LEU C 19 -39.22 24.05 -23.37
CA LEU C 19 -38.49 22.82 -23.66
C LEU C 19 -38.45 21.90 -22.43
N LYS C 20 -38.18 22.48 -21.25
CA LYS C 20 -38.13 21.66 -20.05
C LYS C 20 -39.50 21.09 -19.70
N ASN C 21 -40.57 21.87 -19.90
CA ASN C 21 -41.91 21.36 -19.64
C ASN C 21 -42.29 20.24 -20.59
N GLN C 22 -41.94 20.40 -21.88
CA GLN C 22 -42.21 19.35 -22.84
C GLN C 22 -41.44 18.07 -22.50
N ILE C 23 -40.17 18.21 -22.11
CA ILE C 23 -39.38 17.04 -21.75
C ILE C 23 -39.98 16.36 -20.52
N ARG C 24 -40.38 17.14 -19.52
CA ARG C 24 -40.98 16.55 -18.32
C ARG C 24 -42.29 15.84 -18.64
N ASP C 25 -43.13 16.45 -19.48
CA ASP C 25 -44.40 15.83 -19.84
C ASP C 25 -44.18 14.54 -20.63
N ALA C 26 -43.22 14.55 -21.56
CA ALA C 26 -42.94 13.35 -22.34
C ALA C 26 -42.41 12.24 -21.44
N ARG C 27 -41.53 12.58 -20.49
CA ARG C 27 -41.00 11.57 -19.57
C ARG C 27 -42.11 11.01 -18.68
N LYS C 28 -43.01 11.87 -18.21
CA LYS C 28 -44.13 11.40 -17.40
C LYS C 28 -45.04 10.48 -18.21
N ALA C 29 -45.29 10.83 -19.47
CA ALA C 29 -46.18 10.01 -20.30
C ALA C 29 -45.55 8.67 -20.63
N CYS C 30 -44.24 8.65 -20.88
CA CYS C 30 -43.58 7.41 -21.30
C CYS C 30 -43.54 6.36 -20.18
N ALA C 31 -43.67 6.78 -18.92
CA ALA C 31 -43.60 5.84 -17.81
C ALA C 31 -44.96 5.22 -17.55
N ASP C 32 -45.01 3.89 -17.52
CA ASP C 32 -46.25 3.16 -17.31
C ASP C 32 -46.23 2.32 -16.04
N ALA C 33 -45.12 1.65 -15.74
CA ALA C 33 -45.02 0.82 -14.55
C ALA C 33 -43.56 0.74 -14.11
N THR C 34 -43.37 0.32 -12.87
CA THR C 34 -42.03 0.17 -12.32
C THR C 34 -41.43 -1.16 -12.78
N LEU C 35 -40.17 -1.42 -12.41
CA LEU C 35 -39.46 -2.61 -12.84
C LEU C 35 -39.77 -3.82 -11.97
N SER C 36 -40.19 -3.60 -10.72
CA SER C 36 -40.48 -4.71 -9.84
C SER C 36 -41.64 -5.56 -10.35
N GLN C 37 -42.65 -4.92 -10.97
CA GLN C 37 -43.78 -5.67 -11.49
C GLN C 37 -43.35 -6.66 -12.56
N ILE C 38 -42.50 -6.22 -13.49
CA ILE C 38 -41.98 -7.14 -14.51
C ILE C 38 -41.05 -8.16 -13.88
N THR C 39 -40.33 -7.79 -12.82
CA THR C 39 -39.41 -8.69 -12.16
C THR C 39 -39.99 -9.27 -10.85
N ASN C 40 -41.32 -9.36 -10.76
CA ASN C 40 -41.94 -9.91 -9.55
C ASN C 40 -41.77 -11.42 -9.48
N ASN C 41 -41.63 -12.10 -10.62
CA ASN C 41 -41.47 -13.54 -10.65
C ASN C 41 -40.00 -13.97 -10.68
N ILE C 42 -39.07 -13.04 -10.61
CA ILE C 42 -37.65 -13.34 -10.67
C ILE C 42 -37.22 -13.93 -9.33
N ASP C 43 -36.48 -15.04 -9.39
CA ASP C 43 -35.97 -15.67 -8.19
C ASP C 43 -34.91 -14.79 -7.52
N PRO C 44 -34.87 -14.77 -6.20
CA PRO C 44 -33.80 -14.04 -5.51
C PRO C 44 -32.46 -14.77 -5.60
N VAL C 45 -31.40 -14.17 -5.07
CA VAL C 45 -30.07 -14.77 -5.11
C VAL C 45 -29.67 -15.32 -3.75
N GLY C 46 -30.28 -14.83 -2.67
CA GLY C 46 -29.97 -15.33 -1.34
C GLY C 46 -28.69 -14.74 -0.78
N ARG C 47 -28.38 -15.16 0.44
CA ARG C 47 -27.18 -14.69 1.12
C ARG C 47 -25.94 -15.09 0.33
N ILE C 48 -24.99 -14.16 0.23
CA ILE C 48 -23.80 -14.34 -0.59
C ILE C 48 -22.60 -14.25 0.36
N GLN C 49 -22.03 -15.41 0.70
CA GLN C 49 -20.90 -15.48 1.62
C GLN C 49 -19.60 -15.44 0.84
N MET C 50 -18.93 -14.28 0.85
CA MET C 50 -17.67 -14.10 0.15
C MET C 50 -16.57 -13.82 1.15
N ARG C 51 -15.49 -14.59 1.07
CA ARG C 51 -14.36 -14.44 1.97
C ARG C 51 -13.12 -14.02 1.19
N THR C 52 -12.24 -13.28 1.86
CA THR C 52 -11.01 -12.82 1.22
C THR C 52 -10.13 -14.00 0.85
N ARG C 53 -9.51 -13.91 -0.32
CA ARG C 53 -8.59 -14.94 -0.79
C ARG C 53 -7.15 -14.49 -0.74
N ARG C 54 -6.87 -13.24 -1.08
CA ARG C 54 -5.53 -12.68 -1.00
C ARG C 54 -5.59 -11.30 -0.37
N THR C 55 -4.49 -10.91 0.27
CA THR C 55 -4.35 -9.60 0.89
C THR C 55 -3.04 -9.01 0.39
N LEU C 56 -3.13 -8.04 -0.52
CA LEU C 56 -1.95 -7.47 -1.18
C LEU C 56 -1.38 -6.34 -0.33
N ARG C 57 -0.53 -6.74 0.61
CA ARG C 57 0.08 -5.80 1.56
C ARG C 57 1.38 -5.25 0.98
N GLY C 58 1.28 -4.24 0.12
CA GLY C 58 2.48 -3.67 -0.45
C GLY C 58 2.63 -2.17 -0.36
N HIS C 59 1.51 -1.46 -0.18
CA HIS C 59 1.56 0.00 -0.21
C HIS C 59 1.93 0.56 1.17
N LEU C 60 2.07 1.88 1.23
CA LEU C 60 2.41 2.55 2.49
C LEU C 60 1.55 3.77 2.76
N ALA C 61 0.49 3.99 1.98
CA ALA C 61 -0.41 5.12 2.20
C ALA C 61 -1.80 4.72 1.74
N LYS C 62 -2.66 5.70 1.54
CA LYS C 62 -4.04 5.45 1.13
C LYS C 62 -4.12 5.25 -0.38
N ILE C 63 -4.85 4.23 -0.78
CA ILE C 63 -5.03 3.86 -2.18
C ILE C 63 -6.21 4.64 -2.75
N TYR C 64 -5.99 5.27 -3.91
CA TYR C 64 -7.03 6.07 -4.55
C TYR C 64 -7.60 5.45 -5.81
N ALA C 65 -6.89 4.54 -6.47
CA ALA C 65 -7.42 3.94 -7.69
C ALA C 65 -6.73 2.62 -7.96
N MET C 66 -7.43 1.76 -8.71
CA MET C 66 -6.88 0.52 -9.22
C MET C 66 -7.60 0.18 -10.51
N HIS C 67 -6.97 -0.67 -11.32
CA HIS C 67 -7.58 -1.09 -12.57
C HIS C 67 -7.05 -2.47 -12.95
N TRP C 68 -7.97 -3.37 -13.26
CA TRP C 68 -7.60 -4.72 -13.67
C TRP C 68 -6.89 -4.70 -15.03
N GLY C 69 -6.16 -5.78 -15.30
CA GLY C 69 -5.53 -5.92 -16.59
C GLY C 69 -6.52 -6.32 -17.66
N THR C 70 -6.07 -7.05 -18.67
CA THR C 70 -6.96 -7.56 -19.71
C THR C 70 -7.15 -9.07 -19.65
N ASP C 71 -6.18 -9.80 -19.10
CA ASP C 71 -6.25 -11.25 -18.99
C ASP C 71 -6.70 -11.66 -17.60
N SER C 72 -7.25 -10.71 -16.84
CA SER C 72 -7.82 -10.89 -15.51
C SER C 72 -6.79 -11.35 -14.48
N ARG C 73 -5.50 -11.15 -14.73
CA ARG C 73 -4.46 -11.55 -13.79
C ARG C 73 -3.65 -10.38 -13.27
N LEU C 74 -3.17 -9.51 -14.16
CA LEU C 74 -2.34 -8.39 -13.75
C LEU C 74 -3.19 -7.24 -13.23
N LEU C 75 -2.61 -6.47 -12.32
CA LEU C 75 -3.36 -5.46 -11.57
C LEU C 75 -2.46 -4.28 -11.25
N VAL C 76 -3.02 -3.08 -11.29
CA VAL C 76 -2.30 -1.85 -11.01
C VAL C 76 -3.01 -1.12 -9.87
N SER C 77 -2.24 -0.66 -8.89
CA SER C 77 -2.76 0.13 -7.79
C SER C 77 -1.98 1.43 -7.71
N ALA C 78 -2.70 2.55 -7.59
CA ALA C 78 -2.09 3.87 -7.49
C ALA C 78 -2.46 4.46 -6.13
N SER C 79 -1.46 4.98 -5.42
CA SER C 79 -1.66 5.48 -4.07
C SER C 79 -0.77 6.69 -3.85
N GLN C 80 -1.10 7.45 -2.80
CA GLN C 80 -0.34 8.65 -2.49
C GLN C 80 0.95 8.38 -1.76
N ASP C 81 1.43 7.14 -1.63
CA ASP C 81 2.78 6.95 -1.13
C ASP C 81 3.84 7.34 -2.16
N GLY C 82 3.43 7.62 -3.40
CA GLY C 82 4.34 8.05 -4.44
C GLY C 82 4.58 7.03 -5.52
N LYS C 83 4.08 5.80 -5.37
CA LYS C 83 4.37 4.72 -6.28
C LYS C 83 3.11 4.30 -7.05
N LEU C 84 3.35 3.49 -8.07
CA LEU C 84 2.28 2.92 -8.92
C LEU C 84 2.80 1.54 -9.35
N ILE C 85 2.44 0.52 -8.60
CA ILE C 85 3.07 -0.79 -8.69
C ILE C 85 2.09 -1.77 -9.31
N ILE C 86 2.60 -2.61 -10.23
CA ILE C 86 1.77 -3.60 -10.92
C ILE C 86 1.86 -4.91 -10.17
N TRP C 87 0.70 -5.49 -9.86
CA TRP C 87 0.61 -6.68 -9.02
C TRP C 87 0.44 -7.93 -9.87
N ASP C 88 0.50 -9.08 -9.21
CA ASP C 88 0.10 -10.36 -9.78
C ASP C 88 -0.94 -10.98 -8.83
N SER C 89 -2.17 -11.10 -9.32
CA SER C 89 -3.26 -11.50 -8.43
C SER C 89 -3.24 -12.98 -8.10
N TYR C 90 -2.88 -13.83 -9.07
CA TYR C 90 -2.95 -15.28 -8.85
C TYR C 90 -1.96 -15.75 -7.80
N THR C 91 -0.89 -15.00 -7.58
CA THR C 91 0.15 -15.43 -6.65
C THR C 91 0.66 -14.28 -5.79
N THR C 92 -0.19 -13.30 -5.50
CA THR C 92 0.09 -12.15 -4.64
C THR C 92 1.52 -11.64 -4.81
N ASN C 93 1.92 -11.49 -6.08
CA ASN C 93 3.29 -11.19 -6.44
C ASN C 93 3.35 -9.82 -7.11
N LYS C 94 4.53 -9.22 -7.05
CA LYS C 94 4.77 -7.91 -7.66
C LYS C 94 5.69 -8.06 -8.87
N VAL C 95 5.40 -7.28 -9.90
CA VAL C 95 6.09 -7.44 -11.18
C VAL C 95 6.72 -6.12 -11.62
N HIS C 96 6.22 -5.01 -11.09
CA HIS C 96 6.77 -3.71 -11.43
C HIS C 96 6.53 -2.73 -10.30
N ALA C 97 7.34 -1.68 -10.27
CA ALA C 97 7.20 -0.61 -9.29
C ALA C 97 7.64 0.69 -9.96
N ILE C 98 6.68 1.58 -10.21
CA ILE C 98 6.95 2.79 -10.96
C ILE C 98 6.93 4.00 -10.05
N PRO C 99 8.07 4.67 -9.81
CA PRO C 99 8.06 5.90 -9.02
C PRO C 99 7.50 7.05 -9.84
N LEU C 100 6.61 7.83 -9.22
CA LEU C 100 5.90 8.90 -9.89
C LEU C 100 6.59 10.24 -9.63
N ARG C 101 6.16 11.26 -10.36
CA ARG C 101 6.66 12.63 -10.18
C ARG C 101 5.89 13.37 -9.10
N SER C 102 4.56 13.43 -9.22
CA SER C 102 3.71 14.06 -8.21
C SER C 102 2.96 12.97 -7.46
N SER C 103 3.11 12.97 -6.13
CA SER C 103 2.48 11.95 -5.31
C SER C 103 0.97 12.12 -5.18
N TRP C 104 0.42 13.24 -5.63
CA TRP C 104 -1.02 13.48 -5.56
C TRP C 104 -1.68 12.80 -6.74
N VAL C 105 -2.13 11.57 -6.54
CA VAL C 105 -2.68 10.73 -7.60
C VAL C 105 -4.10 10.35 -7.23
N MET C 106 -5.03 10.54 -8.17
CA MET C 106 -6.43 10.18 -7.97
C MET C 106 -6.95 9.20 -9.01
N THR C 107 -6.14 8.77 -9.97
CA THR C 107 -6.64 7.87 -10.99
C THR C 107 -5.48 7.10 -11.60
N CYS C 108 -5.82 5.98 -12.24
CA CYS C 108 -4.85 5.17 -12.97
C CYS C 108 -5.60 4.37 -14.02
N ALA C 109 -4.85 3.82 -14.97
CA ALA C 109 -5.47 3.11 -16.08
C ALA C 109 -4.53 2.01 -16.56
N TYR C 110 -5.10 1.07 -17.32
CA TYR C 110 -4.36 -0.03 -17.93
C TYR C 110 -4.82 -0.17 -19.36
N ALA C 111 -3.89 -0.09 -20.31
CA ALA C 111 -4.25 -0.22 -21.71
C ALA C 111 -4.79 -1.62 -21.98
N PRO C 112 -5.82 -1.75 -22.81
CA PRO C 112 -6.37 -3.08 -23.09
C PRO C 112 -5.38 -4.02 -23.76
N SER C 113 -4.36 -3.48 -24.44
CA SER C 113 -3.29 -4.29 -25.00
C SER C 113 -2.22 -4.67 -23.98
N GLY C 114 -2.22 -4.02 -22.82
CA GLY C 114 -1.25 -4.30 -21.78
C GLY C 114 0.08 -3.60 -21.96
N ASN C 115 0.26 -2.85 -23.04
CA ASN C 115 1.55 -2.24 -23.33
C ASN C 115 1.79 -1.00 -22.47
N TYR C 116 0.78 -0.15 -22.33
CA TYR C 116 0.92 1.12 -21.66
C TYR C 116 0.05 1.19 -20.41
N VAL C 117 0.42 2.09 -19.49
CA VAL C 117 -0.42 2.50 -18.39
C VAL C 117 -0.38 4.02 -18.33
N ALA C 118 -1.41 4.61 -17.72
CA ALA C 118 -1.50 6.05 -17.60
C ALA C 118 -1.94 6.43 -16.20
N CYS C 119 -1.28 7.42 -15.63
CA CYS C 119 -1.62 7.96 -14.33
C CYS C 119 -2.02 9.42 -14.44
N GLY C 120 -3.00 9.81 -13.64
CA GLY C 120 -3.44 11.19 -13.61
C GLY C 120 -2.88 11.91 -12.41
N GLY C 121 -3.66 12.79 -11.80
CA GLY C 121 -3.23 13.42 -10.57
C GLY C 121 -3.92 14.76 -10.37
N LEU C 122 -3.38 15.50 -9.40
CA LEU C 122 -3.90 16.80 -8.99
C LEU C 122 -3.08 17.95 -9.59
N ASP C 123 -2.22 17.66 -10.56
CA ASP C 123 -1.38 18.66 -11.20
C ASP C 123 -1.62 18.73 -12.70
N ASN C 124 -2.87 18.54 -13.12
CA ASN C 124 -3.34 18.82 -14.47
C ASN C 124 -2.72 17.92 -15.55
N ILE C 125 -1.88 16.95 -15.17
CA ILE C 125 -1.07 16.22 -16.13
C ILE C 125 -1.42 14.73 -16.04
N CYS C 126 -1.67 14.12 -17.20
CA CYS C 126 -1.94 12.69 -17.31
C CYS C 126 -0.74 12.05 -18.03
N SER C 127 0.23 11.61 -17.25
CA SER C 127 1.45 11.03 -17.80
C SER C 127 1.21 9.59 -18.23
N ILE C 128 1.80 9.21 -19.36
CA ILE C 128 1.65 7.88 -19.95
C ILE C 128 2.98 7.16 -19.90
N TYR C 129 2.96 5.92 -19.44
CA TYR C 129 4.15 5.12 -19.20
C TYR C 129 4.26 4.03 -20.25
N ASN C 130 5.43 3.37 -20.28
CA ASN C 130 5.70 2.29 -21.21
C ASN C 130 6.20 1.08 -20.44
N LEU C 131 5.74 -0.10 -20.87
CA LEU C 131 6.07 -1.34 -20.17
C LEU C 131 6.88 -2.33 -21.00
N LYS C 132 7.02 -2.13 -22.29
CA LYS C 132 7.70 -3.10 -23.14
C LYS C 132 8.94 -2.49 -23.79
N THR C 133 9.74 -1.77 -23.01
CA THR C 133 10.96 -1.18 -23.53
C THR C 133 12.02 -2.25 -23.78
N ARG C 134 13.01 -1.90 -24.59
CA ARG C 134 14.12 -2.79 -24.87
C ARG C 134 15.22 -2.71 -23.81
N GLU C 135 15.18 -1.72 -22.93
CA GLU C 135 16.17 -1.58 -21.86
C GLU C 135 15.72 -2.24 -20.56
N GLY C 136 14.51 -2.80 -20.52
CA GLY C 136 14.05 -3.49 -19.32
C GLY C 136 13.60 -2.60 -18.20
N ASN C 137 13.22 -1.36 -18.48
CA ASN C 137 12.73 -0.47 -17.43
C ASN C 137 11.49 0.25 -17.92
N VAL C 138 10.63 0.64 -16.99
CA VAL C 138 9.45 1.44 -17.27
C VAL C 138 9.87 2.90 -17.36
N ARG C 139 9.37 3.61 -18.36
CA ARG C 139 9.85 4.96 -18.63
C ARG C 139 8.72 5.78 -19.24
N VAL C 140 8.67 7.06 -18.85
CA VAL C 140 7.64 7.95 -19.34
C VAL C 140 7.77 8.12 -20.85
N SER C 141 6.64 8.04 -21.56
CA SER C 141 6.63 8.23 -23.00
C SER C 141 6.21 9.64 -23.39
N ARG C 142 5.03 10.07 -22.97
CA ARG C 142 4.56 11.42 -23.24
C ARG C 142 3.67 11.90 -22.10
N GLU C 143 3.76 13.20 -21.81
CA GLU C 143 2.93 13.83 -20.79
C GLU C 143 1.91 14.74 -21.46
N LEU C 144 0.65 14.59 -21.06
CA LEU C 144 -0.44 15.37 -21.63
C LEU C 144 -0.84 16.46 -20.65
N ALA C 145 -0.84 17.71 -21.10
CA ALA C 145 -1.13 18.85 -20.23
C ALA C 145 -1.94 19.86 -21.02
N GLY C 146 -3.27 19.75 -20.93
CA GLY C 146 -4.14 20.70 -21.58
C GLY C 146 -5.29 21.17 -20.70
N HIS C 147 -5.47 20.52 -19.56
CA HIS C 147 -6.54 20.85 -18.65
C HIS C 147 -6.13 22.02 -17.75
N THR C 148 -7.11 22.54 -16.99
CA THR C 148 -6.83 23.63 -16.06
C THR C 148 -7.47 23.38 -14.70
N GLY C 149 -7.85 22.15 -14.38
CA GLY C 149 -8.38 21.82 -13.08
C GLY C 149 -7.60 20.70 -12.43
N TYR C 150 -8.25 19.58 -12.15
CA TYR C 150 -7.58 18.38 -11.67
C TYR C 150 -8.26 17.17 -12.28
N LEU C 151 -7.45 16.24 -12.78
CA LEU C 151 -7.99 15.05 -13.44
C LEU C 151 -8.54 14.08 -12.40
N SER C 152 -9.64 13.41 -12.78
CA SER C 152 -10.30 12.47 -11.90
C SER C 152 -10.41 11.06 -12.45
N CYS C 153 -10.42 10.88 -13.77
CA CYS C 153 -10.53 9.55 -14.35
C CYS C 153 -9.95 9.58 -15.76
N CYS C 154 -9.34 8.46 -16.16
CA CYS C 154 -8.71 8.35 -17.47
C CYS C 154 -8.86 6.90 -17.94
N ARG C 155 -9.51 6.71 -19.07
CA ARG C 155 -9.74 5.39 -19.65
C ARG C 155 -9.20 5.35 -21.07
N PHE C 156 -8.44 4.31 -21.39
CA PHE C 156 -7.90 4.16 -22.73
C PHE C 156 -9.00 3.82 -23.73
N LEU C 157 -8.80 4.27 -24.96
CA LEU C 157 -9.57 3.78 -26.10
C LEU C 157 -8.85 2.69 -26.86
N ASP C 158 -7.58 2.92 -27.20
CA ASP C 158 -6.68 1.91 -27.73
C ASP C 158 -5.27 2.30 -27.29
N ASP C 159 -4.25 1.74 -27.94
CA ASP C 159 -2.88 2.12 -27.60
C ASP C 159 -2.53 3.53 -28.08
N ASN C 160 -3.37 4.17 -28.90
CA ASN C 160 -3.02 5.44 -29.50
C ASN C 160 -3.83 6.63 -29.00
N GLN C 161 -4.91 6.41 -28.26
CA GLN C 161 -5.70 7.54 -27.80
C GLN C 161 -6.36 7.23 -26.47
N ILE C 162 -6.52 8.28 -25.66
CA ILE C 162 -7.00 8.17 -24.28
C ILE C 162 -8.09 9.21 -24.07
N VAL C 163 -8.92 9.00 -23.06
CA VAL C 163 -9.98 9.91 -22.69
C VAL C 163 -9.80 10.28 -21.22
N THR C 164 -9.84 11.58 -20.91
CA THR C 164 -9.62 12.07 -19.57
C THR C 164 -10.74 13.02 -19.17
N SER C 165 -10.93 13.16 -17.85
CA SER C 165 -11.92 14.06 -17.29
C SER C 165 -11.31 14.81 -16.12
N SER C 166 -11.46 16.14 -16.13
CA SER C 166 -10.78 17.00 -15.17
C SER C 166 -11.78 17.89 -14.47
N GLY C 167 -11.38 18.35 -13.27
CA GLY C 167 -12.25 19.15 -12.44
C GLY C 167 -12.40 20.59 -12.90
N ASP C 168 -12.72 20.78 -14.18
CA ASP C 168 -13.00 22.10 -14.71
C ASP C 168 -14.18 22.09 -15.66
N THR C 169 -15.15 21.19 -15.46
CA THR C 169 -16.34 21.06 -16.31
C THR C 169 -15.97 20.74 -17.76
N THR C 170 -14.85 20.04 -17.96
CA THR C 170 -14.43 19.67 -19.30
C THR C 170 -13.96 18.22 -19.31
N CYS C 171 -14.20 17.55 -20.43
CA CYS C 171 -13.67 16.22 -20.71
C CYS C 171 -13.07 16.25 -22.11
N ALA C 172 -11.90 15.63 -22.27
CA ALA C 172 -11.15 15.76 -23.51
C ALA C 172 -10.66 14.40 -23.99
N LEU C 173 -10.45 14.30 -25.30
CA LEU C 173 -9.87 13.13 -25.93
C LEU C 173 -8.51 13.50 -26.50
N TRP C 174 -7.52 12.64 -26.25
CA TRP C 174 -6.14 12.95 -26.60
C TRP C 174 -5.61 11.94 -27.61
N ASP C 175 -4.77 12.41 -28.52
CA ASP C 175 -4.05 11.54 -29.43
C ASP C 175 -2.61 11.42 -28.94
N ILE C 176 -2.24 10.21 -28.51
CA ILE C 176 -0.93 10.02 -27.88
C ILE C 176 0.22 10.11 -28.87
N GLU C 177 -0.02 9.82 -30.15
CA GLU C 177 1.06 9.85 -31.14
C GLU C 177 1.63 11.26 -31.26
N THR C 178 0.78 12.28 -31.31
CA THR C 178 1.23 13.66 -31.38
C THR C 178 1.38 14.27 -29.99
N GLY C 179 0.36 14.09 -29.15
CA GLY C 179 0.38 14.64 -27.81
C GLY C 179 -0.60 15.78 -27.63
N GLN C 180 -1.29 16.13 -28.71
CA GLN C 180 -2.22 17.24 -28.71
C GLN C 180 -3.59 16.78 -28.21
N GLN C 181 -4.50 17.74 -28.05
CA GLN C 181 -5.86 17.46 -27.64
C GLN C 181 -6.77 17.55 -28.86
N THR C 182 -7.35 16.41 -29.23
CA THR C 182 -8.10 16.34 -30.48
C THR C 182 -9.48 16.98 -30.35
N THR C 183 -10.31 16.46 -29.44
CA THR C 183 -11.65 16.95 -29.23
C THR C 183 -11.85 17.32 -27.77
N THR C 184 -12.64 18.36 -27.54
CA THR C 184 -12.99 18.78 -26.18
C THR C 184 -14.50 18.67 -26.00
N PHE C 185 -14.92 18.38 -24.78
CA PHE C 185 -16.33 18.25 -24.45
C PHE C 185 -16.67 19.27 -23.37
N THR C 186 -17.85 19.86 -23.48
CA THR C 186 -18.27 20.88 -22.53
C THR C 186 -19.79 20.86 -22.42
N GLY C 187 -20.29 21.43 -21.33
CA GLY C 187 -21.71 21.49 -21.07
C GLY C 187 -22.05 21.32 -19.61
N HIS C 188 -21.14 20.74 -18.83
CA HIS C 188 -21.37 20.60 -17.40
C HIS C 188 -21.18 21.93 -16.69
N THR C 189 -21.73 22.01 -15.48
CA THR C 189 -21.62 23.21 -14.65
C THR C 189 -20.64 23.07 -13.51
N GLY C 190 -20.48 21.86 -12.96
CA GLY C 190 -19.56 21.64 -11.87
C GLY C 190 -18.44 20.68 -12.22
N ASP C 191 -17.67 20.27 -11.22
CA ASP C 191 -16.57 19.35 -11.44
C ASP C 191 -17.09 18.00 -11.95
N VAL C 192 -16.26 17.31 -12.72
CA VAL C 192 -16.54 15.95 -13.14
C VAL C 192 -15.59 15.03 -12.37
N MET C 193 -16.13 13.90 -11.90
CA MET C 193 -15.37 13.03 -11.01
C MET C 193 -15.39 11.57 -11.46
N SER C 194 -16.04 11.24 -12.56
CA SER C 194 -16.15 9.85 -12.99
C SER C 194 -16.23 9.78 -14.50
N LEU C 195 -15.88 8.61 -15.03
CA LEU C 195 -15.91 8.37 -16.46
C LEU C 195 -15.87 6.86 -16.68
N SER C 196 -16.62 6.38 -17.68
CA SER C 196 -16.69 4.96 -17.96
C SER C 196 -16.87 4.80 -19.47
N LEU C 197 -15.89 4.18 -20.13
CA LEU C 197 -16.00 3.91 -21.55
C LEU C 197 -16.96 2.76 -21.81
N ALA C 198 -17.76 2.89 -22.85
CA ALA C 198 -18.71 1.85 -23.21
C ALA C 198 -17.98 0.64 -23.81
N PRO C 199 -18.60 -0.54 -23.76
CA PRO C 199 -17.96 -1.72 -24.36
C PRO C 199 -17.67 -1.56 -25.84
N ASP C 200 -18.53 -0.87 -26.59
CA ASP C 200 -18.30 -0.66 -28.01
C ASP C 200 -17.24 0.39 -28.29
N THR C 201 -16.80 1.14 -27.27
CA THR C 201 -15.80 2.19 -27.41
C THR C 201 -16.21 3.22 -28.45
N ARG C 202 -17.48 3.60 -28.43
CA ARG C 202 -18.02 4.58 -29.36
C ARG C 202 -18.65 5.78 -28.65
N LEU C 203 -18.97 5.66 -27.36
CA LEU C 203 -19.57 6.74 -26.59
C LEU C 203 -19.34 6.43 -25.12
N PHE C 204 -19.55 7.43 -24.27
CA PHE C 204 -19.24 7.26 -22.86
C PHE C 204 -20.07 8.23 -22.03
N VAL C 205 -20.03 8.03 -20.71
CA VAL C 205 -20.79 8.84 -19.77
C VAL C 205 -19.83 9.53 -18.80
N SER C 206 -20.32 10.57 -18.14
CA SER C 206 -19.50 11.35 -17.23
C SER C 206 -20.42 12.03 -16.23
N GLY C 207 -20.22 11.72 -14.95
CA GLY C 207 -21.06 12.29 -13.89
C GLY C 207 -20.41 13.51 -13.27
N ALA C 208 -21.18 14.59 -13.18
CA ALA C 208 -20.69 15.87 -12.70
C ALA C 208 -20.95 16.02 -11.21
N CYS C 209 -20.26 16.98 -10.60
CA CYS C 209 -20.44 17.30 -9.18
C CYS C 209 -21.71 18.09 -8.91
N ASP C 210 -22.38 18.58 -9.95
CA ASP C 210 -23.61 19.35 -9.80
C ASP C 210 -24.84 18.47 -9.94
N ALA C 211 -24.70 17.18 -9.60
CA ALA C 211 -25.81 16.22 -9.60
C ALA C 211 -26.44 16.09 -10.99
N SER C 212 -25.64 15.64 -11.94
CA SER C 212 -26.10 15.39 -13.29
C SER C 212 -25.16 14.39 -13.96
N ALA C 213 -25.64 13.82 -15.06
CA ALA C 213 -24.85 12.86 -15.84
C ALA C 213 -25.25 13.02 -17.30
N LYS C 214 -24.25 13.09 -18.19
CA LYS C 214 -24.50 13.31 -19.60
C LYS C 214 -23.78 12.26 -20.44
N LEU C 215 -24.29 12.05 -21.64
CA LEU C 215 -23.81 11.02 -22.56
C LEU C 215 -23.20 11.69 -23.78
N TRP C 216 -21.89 11.54 -23.95
CA TRP C 216 -21.20 12.04 -25.14
C TRP C 216 -20.92 10.89 -26.09
N ASP C 217 -20.56 11.24 -27.32
CA ASP C 217 -20.00 10.28 -28.27
C ASP C 217 -18.65 10.78 -28.76
N VAL C 218 -17.73 9.84 -29.01
CA VAL C 218 -16.37 10.20 -29.36
C VAL C 218 -16.20 10.46 -30.85
N ARG C 219 -17.28 10.56 -31.61
CA ARG C 219 -17.20 10.83 -33.04
C ARG C 219 -17.53 12.27 -33.41
N GLU C 220 -18.49 12.88 -32.73
CA GLU C 220 -18.93 14.23 -33.07
C GLU C 220 -18.70 15.26 -31.98
N GLY C 221 -18.63 14.84 -30.73
CA GLY C 221 -18.33 15.75 -29.64
C GLY C 221 -19.52 16.48 -29.04
N MET C 222 -20.74 16.03 -29.28
CA MET C 222 -21.94 16.69 -28.79
C MET C 222 -22.63 15.81 -27.77
N CYS C 223 -23.19 16.43 -26.73
CA CYS C 223 -23.93 15.70 -25.71
C CYS C 223 -25.22 15.15 -26.30
N ARG C 224 -25.53 13.90 -25.96
CA ARG C 224 -26.70 13.21 -26.51
C ARG C 224 -27.91 13.29 -25.57
N GLN C 225 -27.73 12.89 -24.32
CA GLN C 225 -28.79 12.91 -23.33
C GLN C 225 -28.24 13.40 -21.99
N THR C 226 -29.15 13.71 -21.07
CA THR C 226 -28.77 14.06 -19.71
C THR C 226 -29.83 13.53 -18.75
N PHE C 227 -29.40 13.13 -17.56
CA PHE C 227 -30.26 12.45 -16.59
C PHE C 227 -30.14 13.19 -15.26
N THR C 228 -31.05 14.12 -15.01
CA THR C 228 -31.05 14.93 -13.79
C THR C 228 -32.28 14.58 -12.95
N GLY C 229 -32.10 13.69 -11.98
CA GLY C 229 -33.13 13.39 -11.03
C GLY C 229 -32.56 13.06 -9.66
N HIS C 230 -31.30 13.41 -9.45
CA HIS C 230 -30.52 12.88 -8.35
C HIS C 230 -29.90 14.04 -7.58
N GLU C 231 -29.78 13.88 -6.26
CA GLU C 231 -29.81 15.01 -5.35
C GLU C 231 -28.46 15.50 -4.83
N SER C 232 -27.35 14.98 -5.31
CA SER C 232 -26.05 15.44 -4.81
C SER C 232 -24.96 15.03 -5.80
N ASP C 233 -23.72 15.37 -5.47
CA ASP C 233 -22.60 15.14 -6.37
C ASP C 233 -22.38 13.65 -6.59
N ILE C 234 -22.01 13.30 -7.82
CA ILE C 234 -21.84 11.92 -8.25
C ILE C 234 -20.36 11.58 -8.23
N ASN C 235 -20.03 10.42 -7.66
CA ASN C 235 -18.64 10.04 -7.43
C ASN C 235 -18.15 8.86 -8.26
N ALA C 236 -19.04 8.10 -8.90
CA ALA C 236 -18.59 6.94 -9.66
C ALA C 236 -19.69 6.48 -10.60
N ILE C 237 -19.30 6.05 -11.80
CA ILE C 237 -20.23 5.51 -12.79
C ILE C 237 -19.59 4.29 -13.44
N CYS C 238 -20.43 3.33 -13.83
CA CYS C 238 -20.00 2.18 -14.62
C CYS C 238 -21.20 1.64 -15.40
N PHE C 239 -20.96 1.23 -16.65
CA PHE C 239 -22.02 0.64 -17.45
C PHE C 239 -22.45 -0.74 -16.97
N PHE C 240 -23.70 -1.04 -17.27
CA PHE C 240 -24.18 -2.41 -17.32
C PHE C 240 -23.45 -3.15 -18.45
N PRO C 241 -23.16 -4.44 -18.31
CA PRO C 241 -22.41 -5.15 -19.36
C PRO C 241 -23.08 -5.10 -20.72
N ASN C 242 -24.40 -4.96 -20.77
CA ASN C 242 -25.09 -4.85 -22.06
C ASN C 242 -24.67 -3.61 -22.84
N GLY C 243 -24.17 -2.59 -22.15
CA GLY C 243 -23.87 -1.33 -22.82
C GLY C 243 -25.06 -0.45 -23.06
N ASN C 244 -26.13 -0.63 -22.28
CA ASN C 244 -27.33 0.19 -22.41
C ASN C 244 -27.84 0.70 -21.07
N ALA C 245 -27.01 0.68 -20.04
CA ALA C 245 -27.39 1.19 -18.72
C ALA C 245 -26.12 1.48 -17.95
N PHE C 246 -26.26 2.26 -16.88
CA PHE C 246 -25.12 2.59 -16.03
C PHE C 246 -25.62 3.02 -14.66
N ALA C 247 -24.83 2.76 -13.63
CA ALA C 247 -25.19 3.10 -12.26
C ALA C 247 -24.30 4.24 -11.76
N THR C 248 -24.94 5.24 -11.15
CA THR C 248 -24.24 6.41 -10.63
C THR C 248 -24.28 6.39 -9.11
N GLY C 249 -23.12 6.53 -8.48
CA GLY C 249 -23.03 6.52 -7.03
C GLY C 249 -22.68 7.87 -6.45
N SER C 250 -23.64 8.53 -5.80
CA SER C 250 -23.43 9.87 -5.28
C SER C 250 -23.01 9.81 -3.81
N ASP C 251 -23.09 10.96 -3.14
CA ASP C 251 -22.72 11.08 -1.74
C ASP C 251 -23.92 11.03 -0.80
N ASP C 252 -25.14 11.14 -1.31
CA ASP C 252 -26.32 11.11 -0.45
C ASP C 252 -26.89 9.70 -0.29
N ALA C 253 -26.03 8.75 0.04
CA ALA C 253 -26.42 7.41 0.50
C ALA C 253 -27.20 6.60 -0.52
N THR C 254 -27.37 7.10 -1.74
CA THR C 254 -28.17 6.42 -2.73
C THR C 254 -27.40 6.30 -4.04
N CYS C 255 -27.67 5.23 -4.76
CA CYS C 255 -27.13 5.01 -6.10
C CYS C 255 -28.28 4.72 -7.05
N ARG C 256 -28.17 5.25 -8.26
CA ARG C 256 -29.23 5.18 -9.25
C ARG C 256 -28.86 4.20 -10.35
N LEU C 257 -29.87 3.82 -11.14
CA LEU C 257 -29.66 2.99 -12.32
C LEU C 257 -30.48 3.57 -13.45
N PHE C 258 -29.80 4.07 -14.47
CA PHE C 258 -30.41 4.79 -15.58
C PHE C 258 -30.45 3.91 -16.82
N ASP C 259 -31.29 4.29 -17.77
CA ASP C 259 -31.37 3.58 -19.05
C ASP C 259 -31.39 4.61 -20.16
N LEU C 260 -30.81 4.25 -21.30
CA LEU C 260 -30.60 5.23 -22.37
C LEU C 260 -31.87 5.44 -23.17
N ARG C 261 -32.37 4.39 -23.82
CA ARG C 261 -33.54 4.54 -24.69
C ARG C 261 -34.80 4.88 -23.91
N ALA C 262 -34.97 4.30 -22.71
CA ALA C 262 -36.07 4.70 -21.85
C ALA C 262 -35.92 6.15 -21.41
N ASP C 263 -34.67 6.61 -21.27
CA ASP C 263 -34.36 8.01 -20.96
C ASP C 263 -34.98 8.44 -19.63
N GLN C 264 -34.93 7.55 -18.64
CA GLN C 264 -35.50 7.81 -17.34
C GLN C 264 -34.69 7.08 -16.29
N GLU C 265 -34.82 7.53 -15.04
CA GLU C 265 -34.32 6.76 -13.91
C GLU C 265 -35.16 5.50 -13.73
N LEU C 266 -34.51 4.38 -13.43
CA LEU C 266 -35.21 3.11 -13.30
C LEU C 266 -35.37 2.67 -11.85
N MET C 267 -34.29 2.67 -11.05
CA MET C 267 -34.38 2.22 -9.67
C MET C 267 -33.40 3.00 -8.80
N THR C 268 -33.73 3.06 -7.50
CA THR C 268 -32.89 3.68 -6.49
C THR C 268 -32.68 2.68 -5.36
N TYR C 269 -31.45 2.63 -4.84
CA TYR C 269 -31.04 1.61 -3.89
C TYR C 269 -30.63 2.27 -2.58
N SER C 270 -31.41 2.07 -1.53
CA SER C 270 -31.10 2.70 -0.25
C SER C 270 -31.80 1.97 0.90
N HIS C 271 -31.29 2.21 2.10
CA HIS C 271 -31.93 1.82 3.34
C HIS C 271 -31.78 2.94 4.35
N ASP C 272 -32.65 2.94 5.36
CA ASP C 272 -32.64 4.01 6.36
C ASP C 272 -31.33 4.03 7.14
N ASN C 273 -30.82 2.85 7.50
CA ASN C 273 -29.61 2.79 8.33
C ASN C 273 -28.38 3.29 7.58
N ILE C 274 -28.42 3.29 6.24
CA ILE C 274 -27.30 3.76 5.44
C ILE C 274 -27.32 5.28 5.43
N ILE C 275 -26.22 5.91 5.85
CA ILE C 275 -26.17 7.36 5.94
C ILE C 275 -24.89 7.90 5.30
N CYS C 276 -23.99 7.00 4.90
CA CYS C 276 -22.73 7.41 4.29
C CYS C 276 -22.94 7.64 2.80
N GLY C 277 -21.86 7.75 2.03
CA GLY C 277 -21.94 8.04 0.60
C GLY C 277 -21.19 7.00 -0.21
N ILE C 278 -21.68 6.77 -1.44
CA ILE C 278 -21.01 5.84 -2.34
C ILE C 278 -19.63 6.37 -2.71
N THR C 279 -18.72 5.46 -3.03
CA THR C 279 -17.39 5.84 -3.49
C THR C 279 -17.00 5.16 -4.80
N SER C 280 -17.54 3.97 -5.10
CA SER C 280 -17.21 3.27 -6.33
C SER C 280 -18.36 2.35 -6.68
N VAL C 281 -18.50 2.07 -7.97
CA VAL C 281 -19.56 1.20 -8.48
C VAL C 281 -18.99 0.31 -9.58
N SER C 282 -19.37 -0.96 -9.55
CA SER C 282 -19.02 -1.92 -10.59
C SER C 282 -20.21 -2.85 -10.76
N PHE C 283 -20.05 -3.85 -11.62
CA PHE C 283 -21.11 -4.82 -11.87
C PHE C 283 -20.49 -6.21 -11.87
N SER C 284 -21.26 -7.20 -12.32
CA SER C 284 -20.77 -8.55 -12.52
C SER C 284 -21.01 -8.92 -13.98
N LYS C 285 -20.44 -10.07 -14.38
CA LYS C 285 -20.47 -10.45 -15.78
C LYS C 285 -21.89 -10.69 -16.31
N SER C 286 -22.80 -11.21 -15.50
CA SER C 286 -24.17 -11.44 -15.93
C SER C 286 -25.07 -10.26 -15.66
N GLY C 287 -24.56 -9.23 -15.00
CA GLY C 287 -25.36 -8.06 -14.69
C GLY C 287 -26.48 -8.31 -13.71
N ARG C 288 -26.26 -9.21 -12.74
CA ARG C 288 -27.20 -9.41 -11.66
C ARG C 288 -26.72 -8.82 -10.34
N LEU C 289 -25.42 -8.75 -10.12
CA LEU C 289 -24.88 -8.30 -8.85
C LEU C 289 -24.28 -6.92 -9.02
N LEU C 290 -24.77 -5.96 -8.23
CA LEU C 290 -24.24 -4.61 -8.20
C LEU C 290 -23.36 -4.46 -6.97
N LEU C 291 -22.13 -4.04 -7.16
CA LEU C 291 -21.25 -3.75 -6.05
C LEU C 291 -21.14 -2.24 -5.85
N ALA C 292 -20.73 -1.85 -4.66
CA ALA C 292 -20.63 -0.44 -4.30
C ALA C 292 -19.59 -0.31 -3.21
N GLY C 293 -19.09 0.91 -3.02
CA GLY C 293 -18.12 1.16 -1.98
C GLY C 293 -18.55 2.30 -1.09
N TYR C 294 -18.76 2.02 0.19
CA TYR C 294 -19.36 2.96 1.11
C TYR C 294 -18.30 3.58 2.02
N ASP C 295 -18.67 4.71 2.62
CA ASP C 295 -17.79 5.36 3.58
C ASP C 295 -17.87 4.74 4.97
N ASP C 296 -18.85 3.90 5.25
CA ASP C 296 -18.94 3.25 6.57
C ASP C 296 -18.06 2.01 6.61
N PHE C 297 -16.82 2.20 6.16
CA PHE C 297 -15.72 1.29 6.43
C PHE C 297 -15.96 -0.12 5.89
N ASN C 298 -16.74 -0.25 4.82
CA ASN C 298 -17.03 -1.58 4.29
C ASN C 298 -17.53 -1.45 2.85
N CYS C 299 -17.91 -2.60 2.29
CA CYS C 299 -18.44 -2.73 0.95
C CYS C 299 -19.86 -3.27 1.02
N ASN C 300 -20.57 -3.21 -0.10
CA ASN C 300 -21.96 -3.67 -0.12
C ASN C 300 -22.29 -4.30 -1.46
N VAL C 301 -22.65 -5.58 -1.43
CA VAL C 301 -23.14 -6.26 -2.61
C VAL C 301 -24.64 -6.01 -2.74
N TRP C 302 -25.06 -5.46 -3.87
CA TRP C 302 -26.43 -5.01 -4.08
C TRP C 302 -27.07 -5.84 -5.18
N ASP C 303 -28.24 -6.41 -4.88
CA ASP C 303 -29.04 -7.02 -5.94
C ASP C 303 -29.42 -5.97 -6.96
N ALA C 304 -29.21 -6.27 -8.24
CA ALA C 304 -29.40 -5.31 -9.30
C ALA C 304 -30.79 -5.38 -9.93
N LEU C 305 -31.61 -6.35 -9.53
CA LEU C 305 -32.95 -6.46 -10.08
C LEU C 305 -34.04 -6.43 -9.02
N LYS C 306 -33.68 -6.49 -7.73
CA LYS C 306 -34.66 -6.40 -6.67
C LYS C 306 -34.40 -5.24 -5.72
N ALA C 307 -33.27 -4.55 -5.84
CA ALA C 307 -32.92 -3.43 -4.98
C ALA C 307 -32.87 -3.90 -3.52
N ASP C 308 -32.54 -5.15 -3.29
CA ASP C 308 -32.52 -5.69 -1.93
C ASP C 308 -31.09 -5.96 -1.50
N ARG C 309 -30.75 -5.47 -0.31
CA ARG C 309 -29.48 -5.72 0.37
C ARG C 309 -29.26 -7.23 0.42
N ALA C 310 -28.22 -7.72 -0.27
CA ALA C 310 -28.04 -9.16 -0.43
C ALA C 310 -26.59 -9.56 -0.22
N GLY C 311 -25.97 -9.03 0.81
CA GLY C 311 -24.62 -9.44 1.16
C GLY C 311 -23.76 -8.24 1.50
N VAL C 312 -22.73 -8.51 2.31
CA VAL C 312 -21.81 -7.46 2.74
C VAL C 312 -20.38 -7.97 2.67
N LEU C 313 -19.51 -7.21 2.02
CA LEU C 313 -18.08 -7.51 2.01
C LEU C 313 -17.32 -6.73 3.07
N ALA C 314 -17.71 -6.92 4.33
CA ALA C 314 -17.03 -6.24 5.42
C ALA C 314 -15.65 -6.83 5.64
N GLY C 315 -14.77 -6.03 6.22
CA GLY C 315 -13.42 -6.49 6.50
C GLY C 315 -12.36 -5.43 6.33
N HIS C 316 -12.70 -4.33 5.67
CA HIS C 316 -11.73 -3.25 5.46
C HIS C 316 -11.65 -2.36 6.70
N ASP C 317 -10.47 -1.84 7.00
CA ASP C 317 -10.31 -1.06 8.25
C ASP C 317 -10.75 0.38 8.04
N ASN C 318 -10.64 0.92 6.84
CA ASN C 318 -11.01 2.30 6.60
C ASN C 318 -11.92 2.42 5.38
N ARG C 319 -12.17 3.65 4.94
CA ARG C 319 -13.04 3.89 3.79
C ARG C 319 -12.45 3.27 2.54
N VAL C 320 -13.30 2.59 1.76
CA VAL C 320 -12.86 2.06 0.48
C VAL C 320 -12.99 3.15 -0.59
N SER C 321 -12.05 3.14 -1.54
CA SER C 321 -12.00 4.18 -2.56
C SER C 321 -11.85 3.64 -3.97
N CYS C 322 -11.87 2.32 -4.16
CA CYS C 322 -11.71 1.74 -5.49
C CYS C 322 -12.26 0.33 -5.46
N LEU C 323 -12.84 -0.10 -6.59
CA LEU C 323 -13.55 -1.37 -6.65
C LEU C 323 -13.64 -1.79 -8.12
N GLY C 324 -13.07 -2.94 -8.45
CA GLY C 324 -13.12 -3.46 -9.81
C GLY C 324 -13.28 -4.97 -9.82
N VAL C 325 -13.85 -5.47 -10.91
CA VAL C 325 -14.00 -6.90 -11.11
C VAL C 325 -13.21 -7.33 -12.34
N THR C 326 -12.91 -8.61 -12.42
CA THR C 326 -12.15 -9.14 -13.54
C THR C 326 -13.00 -9.17 -14.80
N ASP C 327 -12.34 -9.40 -15.93
CA ASP C 327 -13.04 -9.43 -17.21
C ASP C 327 -13.91 -10.66 -17.40
N ASP C 328 -13.72 -11.70 -16.58
CA ASP C 328 -14.53 -12.91 -16.67
C ASP C 328 -15.38 -13.12 -15.42
N GLY C 329 -15.43 -12.14 -14.53
CA GLY C 329 -16.22 -12.27 -13.32
C GLY C 329 -15.72 -13.31 -12.35
N MET C 330 -14.44 -13.65 -12.39
CA MET C 330 -13.89 -14.67 -11.53
C MET C 330 -13.55 -14.15 -10.15
N ALA C 331 -13.15 -12.89 -10.04
CA ALA C 331 -12.75 -12.31 -8.76
C ALA C 331 -13.10 -10.83 -8.73
N VAL C 332 -13.12 -10.27 -7.53
CA VAL C 332 -13.35 -8.86 -7.31
C VAL C 332 -12.30 -8.34 -6.33
N ALA C 333 -11.77 -7.15 -6.60
CA ALA C 333 -10.72 -6.57 -5.78
C ALA C 333 -11.18 -5.23 -5.24
N THR C 334 -10.77 -4.92 -4.01
CA THR C 334 -11.13 -3.66 -3.36
C THR C 334 -9.91 -3.11 -2.64
N GLY C 335 -9.74 -1.80 -2.71
CA GLY C 335 -8.67 -1.13 -1.99
C GLY C 335 -9.20 0.06 -1.22
N SER C 336 -8.74 0.24 0.02
CA SER C 336 -9.26 1.26 0.90
C SER C 336 -8.16 2.24 1.29
N TRP C 337 -8.49 3.14 2.22
CA TRP C 337 -7.54 4.15 2.63
C TRP C 337 -6.44 3.59 3.54
N ASP C 338 -6.61 2.36 4.02
CA ASP C 338 -5.46 1.63 4.53
C ASP C 338 -4.77 0.95 3.36
N SER C 339 -3.47 0.68 3.51
CA SER C 339 -2.64 0.37 2.36
C SER C 339 -2.96 -0.97 1.71
N PHE C 340 -3.86 -1.75 2.31
CA PHE C 340 -4.19 -3.08 1.82
C PHE C 340 -5.19 -3.18 0.69
N LEU C 341 -4.93 -4.12 -0.21
CA LEU C 341 -5.89 -4.58 -1.21
C LEU C 341 -6.37 -5.98 -0.83
N LYS C 342 -7.53 -6.35 -1.38
CA LYS C 342 -8.12 -7.64 -1.07
C LYS C 342 -8.69 -8.26 -2.34
N ILE C 343 -8.78 -9.59 -2.33
CA ILE C 343 -9.36 -10.35 -3.44
C ILE C 343 -10.44 -11.26 -2.86
N TRP C 344 -11.59 -11.29 -3.50
CA TRP C 344 -12.76 -12.01 -2.99
C TRP C 344 -13.29 -12.95 -4.06
N ASN C 345 -13.88 -14.06 -3.63
CA ASN C 345 -14.58 -14.98 -4.52
C ASN C 345 -15.84 -15.54 -3.86
N ALA D 7 -21.25 37.13 -23.53
CA ALA D 7 -22.59 37.62 -23.24
C ALA D 7 -23.55 36.47 -22.93
N SER D 8 -24.53 36.74 -22.07
CA SER D 8 -25.48 35.71 -21.67
C SER D 8 -26.43 35.33 -22.80
N ILE D 9 -26.63 36.21 -23.78
CA ILE D 9 -27.54 35.92 -24.88
C ILE D 9 -27.02 34.75 -25.70
N ALA D 10 -25.73 34.77 -26.03
CA ALA D 10 -25.15 33.68 -26.81
C ALA D 10 -25.18 32.35 -26.04
N GLN D 11 -24.88 32.41 -24.73
CA GLN D 11 -24.93 31.20 -23.93
C GLN D 11 -26.34 30.63 -23.86
N ALA D 12 -27.35 31.49 -23.69
CA ALA D 12 -28.72 31.03 -23.66
C ALA D 12 -29.14 30.45 -25.01
N ARG D 13 -28.71 31.09 -26.10
CA ARG D 13 -29.03 30.56 -27.43
C ARG D 13 -28.41 29.18 -27.63
N LYS D 14 -27.15 29.01 -27.21
CA LYS D 14 -26.51 27.70 -27.31
C LYS D 14 -27.23 26.67 -26.45
N LEU D 15 -27.65 27.06 -25.25
CA LEU D 15 -28.34 26.14 -24.36
C LEU D 15 -29.67 25.69 -24.95
N VAL D 16 -30.46 26.64 -25.48
CA VAL D 16 -31.76 26.27 -26.04
C VAL D 16 -31.58 25.45 -27.31
N GLU D 17 -30.55 25.77 -28.11
CA GLU D 17 -30.27 24.96 -29.29
C GLU D 17 -29.92 23.52 -28.91
N GLN D 18 -29.09 23.35 -27.87
CA GLN D 18 -28.74 22.01 -27.40
C GLN D 18 -29.97 21.28 -26.88
N LEU D 19 -30.84 22.00 -26.16
CA LEU D 19 -32.07 21.39 -25.66
C LEU D 19 -32.95 20.90 -26.81
N LYS D 20 -33.11 21.72 -27.85
CA LYS D 20 -33.90 21.31 -29.00
C LYS D 20 -33.26 20.13 -29.72
N MET D 21 -31.93 20.13 -29.83
CA MET D 21 -31.25 19.02 -30.50
C MET D 21 -31.43 17.71 -29.74
N GLU D 22 -31.35 17.76 -28.41
CA GLU D 22 -31.46 16.54 -27.61
C GLU D 22 -32.90 16.16 -27.28
N ALA D 23 -33.88 17.02 -27.58
CA ALA D 23 -35.27 16.73 -27.32
C ALA D 23 -35.97 16.03 -28.49
N ASN D 24 -35.23 15.68 -29.54
CA ASN D 24 -35.83 15.07 -30.72
C ASN D 24 -35.28 13.67 -30.96
N ILE D 25 -35.18 12.87 -29.91
CA ILE D 25 -34.67 11.50 -30.00
C ILE D 25 -35.83 10.55 -29.73
N ASP D 26 -35.96 9.53 -30.58
CA ASP D 26 -37.01 8.55 -30.42
C ASP D 26 -36.82 7.75 -29.13
N ARG D 27 -37.93 7.37 -28.51
CA ARG D 27 -37.92 6.71 -27.22
C ARG D 27 -38.87 5.52 -27.24
N ILE D 28 -38.64 4.59 -26.30
CA ILE D 28 -39.40 3.36 -26.20
C ILE D 28 -40.13 3.32 -24.86
N LYS D 29 -40.89 2.26 -24.62
CA LYS D 29 -41.57 2.08 -23.34
C LYS D 29 -40.59 1.52 -22.31
N VAL D 30 -40.69 2.00 -21.08
CA VAL D 30 -39.79 1.55 -20.02
C VAL D 30 -40.02 0.08 -19.70
N SER D 31 -41.23 -0.42 -19.94
CA SER D 31 -41.51 -1.83 -19.69
C SER D 31 -40.65 -2.72 -20.56
N LYS D 32 -40.51 -2.37 -21.85
CA LYS D 32 -39.67 -3.17 -22.74
C LYS D 32 -38.21 -3.09 -22.32
N ALA D 33 -37.77 -1.93 -21.83
CA ALA D 33 -36.40 -1.80 -21.35
C ALA D 33 -36.15 -2.71 -20.15
N ALA D 34 -37.09 -2.72 -19.19
CA ALA D 34 -36.94 -3.61 -18.04
C ALA D 34 -36.96 -5.07 -18.45
N ALA D 35 -37.83 -5.42 -19.41
CA ALA D 35 -37.87 -6.79 -19.90
C ALA D 35 -36.56 -7.18 -20.58
N ASP D 36 -35.97 -6.27 -21.35
CA ASP D 36 -34.69 -6.56 -22.00
C ASP D 36 -33.58 -6.73 -20.97
N LEU D 37 -33.57 -5.89 -19.92
CA LEU D 37 -32.58 -6.06 -18.86
C LEU D 37 -32.75 -7.40 -18.17
N MET D 38 -33.99 -7.80 -17.89
CA MET D 38 -34.23 -9.10 -17.28
C MET D 38 -33.76 -10.23 -18.19
N ALA D 39 -34.04 -10.13 -19.49
CA ALA D 39 -33.62 -11.17 -20.43
C ALA D 39 -32.11 -11.28 -20.50
N TYR D 40 -31.40 -10.15 -20.55
CA TYR D 40 -29.94 -10.21 -20.58
C TYR D 40 -29.39 -10.78 -19.28
N CYS D 41 -29.95 -10.38 -18.14
CA CYS D 41 -29.45 -10.88 -16.87
C CYS D 41 -29.65 -12.39 -16.75
N GLU D 42 -30.80 -12.89 -17.22
CA GLU D 42 -31.06 -14.31 -17.11
C GLU D 42 -30.26 -15.13 -18.12
N ALA D 43 -30.07 -14.61 -19.34
CA ALA D 43 -29.48 -15.40 -20.41
C ALA D 43 -27.99 -15.64 -20.25
N HIS D 44 -27.27 -14.76 -19.54
CA HIS D 44 -25.82 -14.89 -19.40
C HIS D 44 -25.43 -15.20 -17.98
N ALA D 45 -26.30 -15.91 -17.26
CA ALA D 45 -26.12 -16.18 -15.85
C ALA D 45 -25.36 -17.47 -15.55
N LYS D 46 -25.03 -18.26 -16.57
CA LYS D 46 -24.40 -19.55 -16.31
C LYS D 46 -22.88 -19.45 -16.29
N GLU D 47 -22.31 -18.34 -16.74
CA GLU D 47 -20.86 -18.12 -16.65
C GLU D 47 -20.54 -16.95 -15.73
N ASP D 48 -21.24 -16.86 -14.60
CA ASP D 48 -20.97 -15.83 -13.59
C ASP D 48 -20.46 -16.49 -12.33
N PRO D 49 -19.14 -16.61 -12.14
CA PRO D 49 -18.64 -17.32 -10.96
C PRO D 49 -18.66 -16.45 -9.71
N LEU D 50 -19.73 -15.68 -9.51
CA LEU D 50 -19.98 -15.02 -8.24
C LEU D 50 -21.35 -15.36 -7.70
N LEU D 51 -22.40 -15.27 -8.53
CA LEU D 51 -23.71 -15.74 -8.14
C LEU D 51 -23.73 -17.25 -7.94
N THR D 52 -23.09 -17.99 -8.85
CA THR D 52 -22.97 -19.44 -8.75
C THR D 52 -21.53 -19.78 -8.40
N PRO D 53 -21.24 -20.17 -7.16
CA PRO D 53 -19.87 -20.48 -6.79
C PRO D 53 -19.32 -21.63 -7.62
N VAL D 54 -18.05 -21.51 -8.01
CA VAL D 54 -17.39 -22.50 -8.85
C VAL D 54 -16.57 -23.41 -7.94
N PRO D 55 -16.49 -24.71 -8.22
CA PRO D 55 -15.70 -25.60 -7.37
C PRO D 55 -14.22 -25.24 -7.41
N ALA D 56 -13.51 -25.65 -6.36
CA ALA D 56 -12.08 -25.37 -6.25
C ALA D 56 -11.25 -26.11 -7.28
N SER D 57 -11.84 -27.07 -7.99
CA SER D 57 -11.11 -27.78 -9.04
C SER D 57 -10.68 -26.85 -10.17
N GLU D 58 -11.36 -25.72 -10.36
CA GLU D 58 -10.99 -24.76 -11.39
C GLU D 58 -11.03 -23.34 -10.86
N ASN D 59 -10.66 -23.13 -9.60
CA ASN D 59 -10.61 -21.81 -8.97
C ASN D 59 -9.15 -21.46 -8.73
N PRO D 60 -8.55 -20.60 -9.55
CA PRO D 60 -7.13 -20.29 -9.39
C PRO D 60 -6.79 -19.58 -8.08
N PHE D 61 -7.75 -18.90 -7.47
CA PHE D 61 -7.46 -18.17 -6.23
C PHE D 61 -7.52 -19.05 -4.99
N ARG D 62 -8.10 -20.24 -5.08
CA ARG D 62 -8.21 -21.12 -3.92
C ARG D 62 -6.91 -21.85 -3.65
N ASP E 1 19.96 1.17 -28.71
CA ASP E 1 20.69 0.01 -29.20
C ASP E 1 21.15 -0.87 -28.06
N VAL E 2 21.23 -2.18 -28.32
CA VAL E 2 21.69 -3.16 -27.35
C VAL E 2 22.94 -3.80 -27.90
N GLN E 3 24.02 -3.81 -27.13
CA GLN E 3 25.29 -4.32 -27.59
C GLN E 3 25.93 -5.20 -26.53
N LEU E 4 26.45 -6.35 -26.96
CA LEU E 4 27.23 -7.24 -26.11
C LEU E 4 28.52 -7.57 -26.85
N VAL E 5 29.64 -7.56 -26.12
CA VAL E 5 30.93 -7.88 -26.71
C VAL E 5 31.82 -8.42 -25.61
N GLU E 6 32.62 -9.44 -25.94
CA GLU E 6 33.46 -10.14 -24.99
C GLU E 6 34.91 -10.06 -25.42
N SER E 7 35.81 -10.00 -24.44
CA SER E 7 37.24 -9.95 -24.69
C SER E 7 37.99 -10.74 -23.61
N GLY E 8 39.17 -11.22 -23.97
CA GLY E 8 40.02 -11.95 -23.06
C GLY E 8 40.51 -13.29 -23.57
N GLY E 9 40.21 -13.65 -24.82
CA GLY E 9 40.59 -14.94 -25.36
C GLY E 9 42.03 -14.97 -25.84
N GLY E 10 42.39 -16.08 -26.47
CA GLY E 10 43.73 -16.25 -26.99
C GLY E 10 44.26 -17.66 -26.86
N LEU E 11 45.43 -17.80 -26.23
CA LEU E 11 46.05 -19.10 -25.99
C LEU E 11 46.65 -19.10 -24.59
N VAL E 12 46.70 -20.28 -23.97
CA VAL E 12 47.23 -20.42 -22.63
C VAL E 12 47.76 -21.84 -22.47
N GLN E 13 48.86 -21.97 -21.72
CA GLN E 13 49.49 -23.26 -21.48
C GLN E 13 48.58 -24.15 -20.63
N PRO E 14 48.72 -25.47 -20.77
CA PRO E 14 47.88 -26.38 -20.00
C PRO E 14 48.03 -26.17 -18.50
N GLY E 15 46.92 -26.25 -17.79
CA GLY E 15 46.90 -25.96 -16.37
C GLY E 15 46.90 -24.48 -16.04
N GLY E 16 46.87 -23.61 -17.04
CA GLY E 16 46.91 -22.19 -16.81
C GLY E 16 45.56 -21.61 -16.45
N SER E 17 45.54 -20.30 -16.23
CA SER E 17 44.34 -19.57 -15.88
C SER E 17 44.28 -18.28 -16.70
N ARG E 18 43.06 -17.77 -16.89
CA ARG E 18 42.87 -16.55 -17.66
C ARG E 18 41.51 -15.98 -17.29
N LYS E 19 41.30 -14.71 -17.59
CA LYS E 19 40.05 -14.03 -17.28
C LYS E 19 39.31 -13.71 -18.57
N LEU E 20 37.98 -13.66 -18.47
CA LEU E 20 37.14 -13.26 -19.58
C LEU E 20 36.08 -12.29 -19.08
N SER E 21 35.82 -11.24 -19.87
CA SER E 21 34.92 -10.17 -19.47
C SER E 21 33.87 -9.98 -20.55
N CYS E 22 32.60 -9.94 -20.16
CA CYS E 22 31.48 -9.69 -21.07
C CYS E 22 31.01 -8.26 -20.83
N SER E 23 31.51 -7.32 -21.62
CA SER E 23 31.20 -5.91 -21.47
C SER E 23 29.93 -5.58 -22.23
N ALA E 24 28.97 -4.95 -21.54
CA ALA E 24 27.65 -4.69 -22.09
C ALA E 24 27.32 -3.21 -21.99
N SER E 25 26.49 -2.76 -22.93
CA SER E 25 26.04 -1.37 -22.95
C SER E 25 24.73 -1.28 -23.71
N GLY E 26 23.93 -0.28 -23.36
CA GLY E 26 22.68 -0.02 -24.03
C GLY E 26 21.42 -0.52 -23.35
N PHE E 27 21.52 -1.00 -22.11
CA PHE E 27 20.35 -1.49 -21.40
C PHE E 27 20.63 -1.46 -19.90
N ALA E 28 19.58 -1.68 -19.12
CA ALA E 28 19.68 -1.68 -17.66
C ALA E 28 20.34 -2.98 -17.23
N PHE E 29 21.67 -2.97 -17.17
CA PHE E 29 22.42 -4.18 -16.85
C PHE E 29 22.11 -4.68 -15.45
N SER E 30 21.96 -3.77 -14.49
CA SER E 30 21.80 -4.15 -13.08
C SER E 30 20.47 -4.78 -12.78
N SER E 31 19.59 -5.05 -13.73
CA SER E 31 18.28 -5.64 -13.48
C SER E 31 18.08 -6.89 -14.32
N PHE E 32 19.17 -7.52 -14.73
CA PHE E 32 19.12 -8.69 -15.61
C PHE E 32 19.87 -9.84 -14.97
N GLY E 33 19.88 -10.98 -15.67
CA GLY E 33 20.67 -12.12 -15.28
C GLY E 33 21.55 -12.59 -16.43
N MET E 34 22.77 -13.00 -16.14
CA MET E 34 23.75 -13.34 -17.17
C MET E 34 24.09 -14.82 -17.12
N HIS E 35 24.29 -15.41 -18.29
CA HIS E 35 24.74 -16.80 -18.43
C HIS E 35 26.10 -16.83 -19.13
N TRP E 36 26.57 -18.05 -19.37
CA TRP E 36 27.75 -18.28 -20.21
C TRP E 36 27.51 -19.59 -20.94
N VAL E 37 27.53 -19.53 -22.28
CA VAL E 37 27.26 -20.71 -23.09
C VAL E 37 28.42 -20.96 -24.04
N ARG E 38 29.24 -21.96 -23.73
CA ARG E 38 30.39 -22.23 -24.57
C ARG E 38 30.01 -23.15 -25.72
N GLN E 39 30.81 -23.10 -26.79
CA GLN E 39 30.54 -23.84 -28.00
C GLN E 39 31.83 -24.47 -28.53
N ALA E 40 31.84 -25.79 -28.61
CA ALA E 40 32.97 -26.52 -29.16
C ALA E 40 33.13 -26.22 -30.65
N PRO E 41 34.32 -26.46 -31.22
CA PRO E 41 34.54 -26.11 -32.63
C PRO E 41 33.55 -26.75 -33.59
N GLU E 42 33.14 -27.99 -33.34
CA GLU E 42 32.19 -28.67 -34.22
C GLU E 42 30.92 -29.14 -33.51
N LYS E 43 30.94 -29.28 -32.19
CA LYS E 43 29.78 -29.77 -31.46
C LYS E 43 28.77 -28.64 -31.25
N GLY E 44 27.78 -28.87 -30.40
CA GLY E 44 26.73 -27.90 -30.18
C GLY E 44 27.06 -26.88 -29.10
N LEU E 45 26.17 -26.74 -28.13
CA LEU E 45 26.34 -25.75 -27.08
C LEU E 45 26.31 -26.43 -25.73
N GLU E 46 27.06 -25.87 -24.78
CA GLU E 46 27.06 -26.36 -23.41
C GLU E 46 26.94 -25.16 -22.47
N TRP E 47 26.11 -25.31 -21.45
CA TRP E 47 25.88 -24.25 -20.48
C TRP E 47 26.95 -24.30 -19.40
N VAL E 48 27.44 -23.12 -19.02
CA VAL E 48 28.65 -23.05 -18.20
C VAL E 48 28.36 -22.52 -16.80
N ALA E 49 27.68 -21.38 -16.69
CA ALA E 49 27.46 -20.78 -15.39
C ALA E 49 26.16 -19.97 -15.44
N TYR E 50 25.92 -19.18 -14.40
CA TYR E 50 24.73 -18.35 -14.28
C TYR E 50 24.88 -17.45 -13.07
N ILE E 51 24.33 -16.25 -13.16
CA ILE E 51 24.25 -15.35 -12.01
C ILE E 51 23.03 -14.46 -12.17
N SER E 52 22.20 -14.37 -11.13
CA SER E 52 20.95 -13.66 -11.23
C SER E 52 21.15 -12.17 -10.93
N SER E 53 20.03 -11.44 -10.87
CA SER E 53 20.09 -10.04 -10.48
C SER E 53 20.44 -9.92 -9.00
N GLY E 54 21.34 -9.00 -8.68
CA GLY E 54 21.82 -8.87 -7.33
C GLY E 54 22.75 -9.98 -6.88
N SER E 55 23.11 -10.90 -7.77
CA SER E 55 24.01 -12.01 -7.46
C SER E 55 23.52 -12.80 -6.25
N GLY E 56 22.23 -13.14 -6.30
CA GLY E 56 21.62 -13.88 -5.21
C GLY E 56 21.86 -15.38 -5.30
N THR E 57 21.61 -15.95 -6.47
CA THR E 57 21.78 -17.37 -6.69
C THR E 57 22.69 -17.59 -7.89
N ILE E 58 23.68 -18.47 -7.73
CA ILE E 58 24.64 -18.79 -8.78
C ILE E 58 24.64 -20.30 -8.97
N TYR E 59 24.48 -20.73 -10.21
CA TYR E 59 24.51 -22.14 -10.57
C TYR E 59 25.71 -22.43 -11.47
N TYR E 60 26.10 -23.69 -11.51
CA TYR E 60 27.28 -24.10 -12.25
C TYR E 60 26.95 -25.34 -13.05
N ALA E 61 27.81 -25.64 -14.02
CA ALA E 61 27.68 -26.84 -14.82
C ALA E 61 28.15 -28.04 -14.00
N ASP E 62 28.10 -29.24 -14.58
CA ASP E 62 28.53 -30.44 -13.88
C ASP E 62 30.00 -30.76 -14.08
N THR E 63 30.58 -30.37 -15.22
CA THR E 63 31.99 -30.56 -15.48
C THR E 63 32.79 -29.30 -15.16
N VAL E 64 32.17 -28.32 -14.52
CA VAL E 64 32.82 -27.04 -14.25
C VAL E 64 32.82 -26.66 -12.78
N LYS E 65 31.86 -27.12 -11.98
CA LYS E 65 31.76 -26.71 -10.58
C LYS E 65 33.03 -27.03 -9.82
N GLY E 66 33.53 -26.05 -9.08
CA GLY E 66 34.76 -26.20 -8.33
C GLY E 66 35.99 -25.62 -8.98
N ARG E 67 35.95 -25.35 -10.29
CA ARG E 67 37.08 -24.74 -10.98
C ARG E 67 36.82 -23.29 -11.36
N PHE E 68 35.74 -23.02 -12.08
CA PHE E 68 35.43 -21.67 -12.52
C PHE E 68 34.60 -20.96 -11.45
N THR E 69 34.65 -19.63 -11.47
CA THR E 69 33.72 -18.81 -10.71
C THR E 69 33.24 -17.66 -11.59
N ILE E 70 32.03 -17.19 -11.30
CA ILE E 70 31.38 -16.15 -12.09
C ILE E 70 30.95 -15.03 -11.16
N SER E 71 31.26 -13.79 -11.57
CA SER E 71 30.86 -12.62 -10.79
C SER E 71 30.62 -11.47 -11.76
N ARG E 72 29.82 -10.50 -11.30
CA ARG E 72 29.48 -9.35 -12.12
C ARG E 72 29.61 -8.09 -11.27
N ASP E 73 29.94 -6.99 -11.94
CA ASP E 73 30.05 -5.68 -11.31
C ASP E 73 29.15 -4.73 -12.09
N ASP E 74 27.86 -4.72 -11.72
CA ASP E 74 26.88 -3.92 -12.42
C ASP E 74 27.03 -2.40 -12.30
N PRO E 75 27.70 -1.81 -11.29
CA PRO E 75 27.99 -0.37 -11.40
C PRO E 75 28.83 -0.03 -12.61
N LYS E 76 29.68 -0.93 -13.08
CA LYS E 76 30.48 -0.72 -14.28
C LYS E 76 30.09 -1.62 -15.42
N ASN E 77 28.84 -2.13 -15.42
CA ASN E 77 28.22 -2.91 -16.49
C ASN E 77 29.21 -3.82 -17.23
N THR E 78 29.84 -4.70 -16.46
CA THR E 78 30.78 -5.67 -17.01
C THR E 78 30.69 -6.97 -16.22
N LEU E 79 30.69 -8.09 -16.93
CA LEU E 79 30.58 -9.43 -16.36
C LEU E 79 31.96 -10.11 -16.35
N PHE E 80 32.15 -11.01 -15.39
CA PHE E 80 33.43 -11.69 -15.20
C PHE E 80 33.23 -13.18 -15.02
N LEU E 81 34.26 -13.95 -15.40
CA LEU E 81 34.27 -15.39 -15.19
C LEU E 81 35.71 -15.85 -15.08
N GLN E 82 36.10 -16.33 -13.89
CA GLN E 82 37.48 -16.73 -13.62
C GLN E 82 37.62 -18.22 -13.92
N MET E 83 38.50 -18.57 -14.85
CA MET E 83 38.74 -19.96 -15.23
C MET E 83 40.17 -20.34 -14.84
N THR E 84 40.30 -21.46 -14.12
CA THR E 84 41.60 -21.89 -13.59
C THR E 84 41.81 -23.35 -13.94
N SER E 85 43.09 -23.72 -14.11
CA SER E 85 43.50 -25.09 -14.42
C SER E 85 42.73 -25.65 -15.62
N LEU E 86 42.99 -25.04 -16.78
CA LEU E 86 42.23 -25.36 -17.98
C LEU E 86 42.55 -26.78 -18.47
N ARG E 87 41.64 -27.33 -19.28
CA ARG E 87 41.76 -28.68 -19.81
C ARG E 87 41.63 -28.62 -21.31
N SER E 88 42.20 -29.61 -22.01
CA SER E 88 42.18 -29.64 -23.46
C SER E 88 40.78 -29.79 -24.04
N GLU E 89 39.79 -30.14 -23.23
CA GLU E 89 38.41 -30.19 -23.69
C GLU E 89 37.69 -28.86 -23.51
N ASP E 90 38.38 -27.82 -23.06
CA ASP E 90 37.82 -26.49 -22.93
C ASP E 90 38.12 -25.59 -24.12
N THR E 91 38.66 -26.15 -25.20
CA THR E 91 39.04 -25.36 -26.36
C THR E 91 37.82 -24.91 -27.15
N ALA E 92 37.00 -24.05 -26.55
CA ALA E 92 35.73 -23.62 -27.13
C ALA E 92 35.53 -22.13 -26.88
N MET E 93 34.80 -21.48 -27.78
CA MET E 93 34.49 -20.06 -27.62
C MET E 93 33.30 -19.87 -26.69
N TYR E 94 33.32 -18.78 -25.92
CA TYR E 94 32.32 -18.53 -24.91
C TYR E 94 31.37 -17.43 -25.36
N TYR E 95 30.13 -17.47 -24.87
CA TYR E 95 29.10 -16.51 -25.25
C TYR E 95 28.59 -15.79 -24.00
N CYS E 96 27.54 -14.99 -24.17
CA CYS E 96 27.00 -14.16 -23.10
C CYS E 96 25.62 -13.70 -23.50
N VAL E 97 24.62 -13.95 -22.65
CA VAL E 97 23.21 -13.78 -23.02
C VAL E 97 22.49 -12.93 -21.98
N ARG E 98 21.19 -12.73 -22.21
CA ARG E 98 20.36 -11.80 -21.44
C ARG E 98 19.12 -12.56 -20.97
N SER E 99 18.87 -12.55 -19.66
CA SER E 99 17.91 -13.49 -19.07
C SER E 99 17.00 -12.82 -18.04
N ILE E 100 16.33 -11.72 -18.42
CA ILE E 100 15.35 -11.11 -17.50
C ILE E 100 14.26 -12.12 -17.15
N TYR E 101 13.88 -12.16 -15.87
CA TYR E 101 12.90 -13.12 -15.36
C TYR E 101 11.81 -12.37 -14.59
N TYR E 102 10.58 -12.39 -15.13
CA TYR E 102 9.39 -12.03 -14.37
C TYR E 102 8.19 -12.64 -15.10
N TYR E 103 6.99 -12.28 -14.70
CA TYR E 103 5.80 -12.88 -15.30
C TYR E 103 5.61 -12.34 -16.71
N GLY E 104 5.69 -13.21 -17.70
CA GLY E 104 5.54 -12.83 -19.09
C GLY E 104 6.81 -12.40 -19.78
N SER E 105 7.95 -12.40 -19.10
CA SER E 105 9.19 -11.98 -19.71
C SER E 105 9.68 -13.01 -20.73
N SER E 106 10.60 -12.59 -21.59
CA SER E 106 11.17 -13.47 -22.60
C SER E 106 12.67 -13.63 -22.36
N PRO E 107 13.11 -14.71 -21.72
CA PRO E 107 14.55 -14.91 -21.50
C PRO E 107 15.29 -15.23 -22.78
N PHE E 108 16.61 -15.00 -22.74
CA PHE E 108 17.51 -15.28 -23.86
C PHE E 108 17.10 -14.52 -25.12
N ASP E 109 16.68 -13.27 -24.91
CA ASP E 109 16.23 -12.42 -26.00
C ASP E 109 17.38 -11.75 -26.74
N PHE E 110 18.61 -11.88 -26.24
CA PHE E 110 19.76 -11.31 -26.90
C PHE E 110 20.95 -12.23 -26.68
N TRP E 111 21.92 -12.17 -27.59
CA TRP E 111 23.07 -13.05 -27.53
C TRP E 111 24.33 -12.26 -27.85
N GLY E 112 25.41 -12.59 -27.15
CA GLY E 112 26.67 -11.88 -27.35
C GLY E 112 27.32 -12.20 -28.67
N GLN E 113 28.63 -11.95 -28.77
CA GLN E 113 29.37 -12.17 -30.01
C GLN E 113 30.23 -13.41 -29.98
N GLY E 114 31.03 -13.60 -28.94
CA GLY E 114 31.81 -14.82 -28.82
C GLY E 114 33.30 -14.61 -28.95
N THR E 115 34.05 -15.06 -27.95
CA THR E 115 35.50 -14.92 -27.92
C THR E 115 36.14 -16.30 -27.99
N THR E 116 37.10 -16.47 -28.90
CA THR E 116 37.74 -17.75 -29.11
C THR E 116 38.65 -18.10 -27.94
N LEU E 117 38.89 -19.40 -27.76
CA LEU E 117 39.73 -19.89 -26.68
C LEU E 117 40.29 -21.25 -27.09
N THR E 118 41.58 -21.28 -27.42
CA THR E 118 42.25 -22.51 -27.84
C THR E 118 43.35 -22.83 -26.84
N VAL E 119 43.41 -24.09 -26.42
CA VAL E 119 44.47 -24.59 -25.55
C VAL E 119 45.18 -25.72 -26.27
N SER E 120 46.51 -25.66 -26.30
CA SER E 120 47.29 -26.68 -26.98
C SER E 120 47.15 -28.02 -26.28
N SER E 121 47.22 -29.09 -27.06
CA SER E 121 47.07 -30.44 -26.51
C SER E 121 48.26 -30.79 -25.61
N GLY E 122 47.95 -31.43 -24.49
CA GLY E 122 48.98 -31.82 -23.54
C GLY E 122 48.65 -31.44 -22.11
N GLY E 135 23.47 -38.40 -15.75
CA GLY E 135 22.56 -39.51 -15.55
C GLY E 135 21.21 -39.11 -14.99
N SER E 136 21.24 -38.26 -13.95
CA SER E 136 20.02 -37.78 -13.32
C SER E 136 19.47 -36.51 -13.95
N ASP E 137 20.29 -35.78 -14.71
CA ASP E 137 19.84 -34.55 -15.33
C ASP E 137 19.07 -34.83 -16.61
N ILE E 138 18.28 -33.85 -17.04
CA ILE E 138 17.47 -34.01 -18.24
C ILE E 138 18.38 -34.14 -19.46
N VAL E 139 18.03 -35.06 -20.34
CA VAL E 139 18.78 -35.29 -21.58
C VAL E 139 17.83 -35.09 -22.75
N MET E 140 18.21 -34.24 -23.69
CA MET E 140 17.38 -33.90 -24.83
C MET E 140 18.09 -34.29 -26.12
N THR E 141 17.40 -35.05 -26.96
CA THR E 141 17.97 -35.59 -28.19
C THR E 141 17.14 -35.12 -29.38
N GLN E 142 17.81 -34.88 -30.51
CA GLN E 142 17.15 -34.48 -31.73
C GLN E 142 17.34 -35.55 -32.80
N ALA E 143 16.52 -35.50 -33.84
CA ALA E 143 16.46 -36.60 -34.81
C ALA E 143 17.75 -36.70 -35.60
N THR E 144 18.08 -35.67 -36.38
CA THR E 144 19.22 -35.72 -37.27
C THR E 144 19.86 -34.34 -37.34
N SER E 145 21.18 -34.31 -37.48
CA SER E 145 21.92 -33.06 -37.57
C SER E 145 22.13 -32.58 -39.00
N SER E 146 21.58 -33.28 -39.99
CA SER E 146 21.75 -32.92 -41.39
C SER E 146 20.47 -33.22 -42.15
N VAL E 147 19.71 -32.17 -42.47
CA VAL E 147 18.50 -32.30 -43.28
C VAL E 147 18.50 -31.24 -44.37
N PRO E 148 18.61 -31.62 -45.65
CA PRO E 148 18.56 -30.62 -46.73
C PRO E 148 17.11 -30.22 -47.01
N VAL E 149 16.93 -28.94 -47.34
CA VAL E 149 15.61 -28.38 -47.58
C VAL E 149 15.61 -27.60 -48.88
N THR E 150 14.42 -27.27 -49.37
CA THR E 150 14.24 -26.51 -50.59
C THR E 150 13.39 -25.27 -50.32
N PRO E 151 13.67 -24.17 -51.02
CA PRO E 151 12.87 -22.95 -50.83
C PRO E 151 11.45 -23.13 -51.31
N GLY E 152 10.55 -22.35 -50.71
CA GLY E 152 9.16 -22.31 -51.12
C GLY E 152 8.26 -23.34 -50.48
N GLU E 153 8.80 -24.24 -49.65
CA GLU E 153 8.01 -25.27 -49.00
C GLU E 153 8.09 -25.11 -47.49
N SER E 154 7.19 -25.81 -46.80
CA SER E 154 7.10 -25.76 -45.35
C SER E 154 7.84 -26.95 -44.76
N VAL E 155 8.70 -26.68 -43.77
CA VAL E 155 9.50 -27.72 -43.13
C VAL E 155 9.24 -27.69 -41.64
N SER E 156 9.49 -28.82 -40.99
CA SER E 156 9.30 -28.97 -39.56
C SER E 156 10.53 -29.60 -38.93
N ILE E 157 10.69 -29.38 -37.63
CA ILE E 157 11.80 -29.90 -36.86
C ILE E 157 11.24 -30.43 -35.54
N SER E 158 12.00 -31.33 -34.91
CA SER E 158 11.56 -31.95 -33.66
C SER E 158 12.74 -32.05 -32.70
N CYS E 159 12.41 -32.06 -31.40
CA CYS E 159 13.42 -32.22 -30.35
C CYS E 159 12.73 -32.90 -29.17
N ARG E 160 12.91 -34.21 -29.05
CA ARG E 160 12.29 -34.98 -27.99
C ARG E 160 13.18 -34.98 -26.75
N SER E 161 12.56 -34.78 -25.59
CA SER E 161 13.26 -34.77 -24.32
C SER E 161 13.11 -36.14 -23.64
N SER E 162 13.58 -36.21 -22.40
CA SER E 162 13.48 -37.42 -21.61
C SER E 162 12.61 -37.28 -20.37
N LYS E 163 12.36 -36.05 -19.91
CA LYS E 163 11.48 -35.80 -18.77
C LYS E 163 10.38 -34.86 -19.22
N SER E 164 9.15 -35.13 -18.75
CA SER E 164 8.02 -34.29 -19.14
C SER E 164 8.24 -32.86 -18.68
N LEU E 165 8.02 -31.90 -19.60
CA LEU E 165 8.29 -30.50 -19.33
C LEU E 165 7.06 -29.69 -18.97
N LEU E 166 5.88 -30.29 -18.98
CA LEU E 166 4.65 -29.57 -18.62
C LEU E 166 4.56 -29.49 -17.10
N HIS E 167 4.98 -28.35 -16.58
CA HIS E 167 4.96 -28.12 -15.14
C HIS E 167 3.51 -27.95 -14.66
N SER E 168 3.32 -28.11 -13.35
CA SER E 168 2.00 -27.99 -12.75
C SER E 168 1.43 -26.59 -12.85
N ASN E 169 2.25 -25.59 -13.16
CA ASN E 169 1.77 -24.22 -13.35
C ASN E 169 0.95 -24.05 -14.61
N GLY E 170 0.91 -25.07 -15.47
CA GLY E 170 0.33 -24.94 -16.79
C GLY E 170 1.30 -24.48 -17.85
N ASN E 171 2.53 -24.17 -17.48
CA ASN E 171 3.55 -23.73 -18.41
C ASN E 171 4.43 -24.90 -18.84
N THR E 172 4.99 -24.79 -20.04
CA THR E 172 6.01 -25.71 -20.52
C THR E 172 7.26 -24.90 -20.84
N TYR E 173 8.41 -25.40 -20.38
CA TYR E 173 9.66 -24.67 -20.46
C TYR E 173 10.53 -25.29 -21.54
N LEU E 174 10.52 -24.69 -22.73
CA LEU E 174 11.37 -25.11 -23.82
C LEU E 174 11.58 -23.94 -24.77
N TYR E 175 12.81 -23.76 -25.22
CA TYR E 175 13.21 -22.59 -26.00
C TYR E 175 13.84 -23.06 -27.31
N TRP E 176 13.26 -22.65 -28.43
CA TRP E 176 13.88 -22.92 -29.72
C TRP E 176 14.84 -21.79 -30.08
N PHE E 177 15.87 -22.14 -30.84
CA PHE E 177 16.90 -21.17 -31.21
C PHE E 177 17.24 -21.34 -32.68
N LEU E 178 18.05 -20.42 -33.20
CA LEU E 178 18.54 -20.46 -34.56
C LEU E 178 19.94 -19.87 -34.60
N GLN E 179 20.83 -20.53 -35.34
CA GLN E 179 22.21 -20.07 -35.47
C GLN E 179 22.59 -19.97 -36.93
N ARG E 180 22.65 -18.74 -37.44
CA ARG E 180 23.08 -18.47 -38.80
C ARG E 180 24.57 -18.77 -38.93
N PRO E 181 25.07 -19.07 -40.13
CA PRO E 181 26.48 -19.44 -40.25
C PRO E 181 27.41 -18.27 -39.91
N GLY E 182 28.26 -18.51 -38.92
CA GLY E 182 29.29 -17.54 -38.55
C GLY E 182 28.81 -16.37 -37.72
N GLN E 183 27.60 -16.43 -37.21
CA GLN E 183 27.08 -15.35 -36.36
C GLN E 183 26.56 -15.89 -35.03
N SER E 184 25.99 -15.01 -34.23
CA SER E 184 25.43 -15.38 -32.94
C SER E 184 24.07 -16.05 -33.11
N PRO E 185 23.68 -16.92 -32.19
CA PRO E 185 22.35 -17.52 -32.24
C PRO E 185 21.27 -16.51 -31.90
N GLN E 186 20.04 -16.83 -32.30
CA GLN E 186 18.92 -15.92 -32.13
C GLN E 186 17.77 -16.68 -31.48
N LEU E 187 16.92 -15.94 -30.78
CA LEU E 187 15.76 -16.52 -30.15
C LEU E 187 14.56 -16.48 -31.10
N LEU E 188 13.86 -17.60 -31.20
CA LEU E 188 12.67 -17.70 -32.03
C LEU E 188 11.41 -17.93 -31.22
N ILE E 189 11.38 -18.96 -30.40
CA ILE E 189 10.21 -19.35 -29.63
C ILE E 189 10.64 -19.56 -28.18
N TYR E 190 9.88 -18.99 -27.25
CA TYR E 190 10.13 -19.20 -25.82
C TYR E 190 8.90 -19.82 -25.18
N ARG E 191 9.12 -20.82 -24.33
CA ARG E 191 8.06 -21.58 -23.66
C ARG E 191 7.22 -22.37 -24.66
N MET E 192 7.81 -22.67 -25.82
CA MET E 192 7.29 -23.65 -26.78
C MET E 192 6.04 -23.14 -27.50
N SER E 193 5.50 -22.01 -27.06
CA SER E 193 4.29 -21.48 -27.69
C SER E 193 4.38 -20.02 -28.09
N ASN E 194 5.12 -19.18 -27.38
CA ASN E 194 5.14 -17.76 -27.65
C ASN E 194 6.18 -17.43 -28.71
N LEU E 195 5.92 -16.35 -29.45
CA LEU E 195 6.84 -15.87 -30.47
C LEU E 195 7.56 -14.64 -29.93
N ALA E 196 8.88 -14.63 -30.05
CA ALA E 196 9.69 -13.56 -29.48
C ALA E 196 9.51 -12.28 -30.28
N SER E 197 10.20 -11.21 -29.87
CA SER E 197 10.11 -9.93 -30.55
C SER E 197 11.18 -9.84 -31.64
N GLY E 198 10.83 -9.17 -32.74
CA GLY E 198 11.72 -9.02 -33.86
C GLY E 198 11.74 -10.19 -34.82
N VAL E 199 11.66 -11.41 -34.31
CA VAL E 199 11.59 -12.60 -35.17
C VAL E 199 10.27 -12.54 -35.93
N PRO E 200 10.26 -12.84 -37.24
CA PRO E 200 9.03 -12.67 -38.02
C PRO E 200 7.86 -13.52 -37.54
N ASP E 201 6.67 -13.25 -38.09
CA ASP E 201 5.46 -14.02 -37.80
C ASP E 201 5.39 -15.30 -38.62
N ARG E 202 6.53 -15.75 -39.15
CA ARG E 202 6.60 -16.92 -40.02
C ARG E 202 6.70 -18.22 -39.23
N PHE E 203 7.62 -18.27 -38.27
CA PHE E 203 7.82 -19.48 -37.48
C PHE E 203 6.64 -19.70 -36.54
N SER E 204 6.54 -20.92 -36.02
CA SER E 204 5.50 -21.28 -35.08
C SER E 204 5.96 -22.45 -34.24
N GLY E 205 5.43 -22.54 -33.03
CA GLY E 205 5.82 -23.56 -32.07
C GLY E 205 4.64 -24.45 -31.69
N SER E 206 4.93 -25.69 -31.33
CA SER E 206 3.91 -26.64 -30.92
C SER E 206 4.57 -27.75 -30.13
N GLY E 207 3.73 -28.63 -29.56
CA GLY E 207 4.23 -29.77 -28.82
C GLY E 207 3.38 -30.12 -27.61
N SER E 208 3.68 -31.24 -26.96
CA SER E 208 2.91 -31.66 -25.80
C SER E 208 3.75 -32.63 -24.97
N GLY E 209 4.18 -32.19 -23.79
CA GLY E 209 4.83 -33.07 -22.85
C GLY E 209 6.29 -33.33 -23.13
N THR E 210 6.58 -34.18 -24.12
CA THR E 210 7.96 -34.50 -24.47
C THR E 210 8.25 -34.49 -25.96
N ALA E 211 7.23 -34.41 -26.82
CA ALA E 211 7.43 -34.38 -28.28
C ALA E 211 7.10 -32.98 -28.76
N PHE E 212 8.12 -32.20 -29.07
CA PHE E 212 7.97 -30.81 -29.47
C PHE E 212 8.34 -30.63 -30.95
N THR E 213 7.65 -29.68 -31.59
CA THR E 213 7.89 -29.39 -33.00
C THR E 213 7.85 -27.89 -33.21
N LEU E 214 8.58 -27.43 -34.23
CA LEU E 214 8.57 -26.05 -34.67
C LEU E 214 8.24 -26.02 -36.16
N THR E 215 7.30 -25.16 -36.54
CA THR E 215 6.76 -25.13 -37.88
C THR E 215 7.20 -23.86 -38.60
N ILE E 216 7.71 -24.04 -39.82
CA ILE E 216 8.09 -22.93 -40.70
C ILE E 216 7.33 -23.08 -42.00
N SER E 217 6.76 -21.99 -42.48
CA SER E 217 6.01 -21.98 -43.73
C SER E 217 6.56 -20.88 -44.64
N ARG E 218 6.45 -21.09 -45.94
CA ARG E 218 6.97 -20.16 -46.94
C ARG E 218 8.45 -19.86 -46.67
N LEU E 219 9.23 -20.93 -46.61
CA LEU E 219 10.64 -20.82 -46.24
C LEU E 219 11.41 -19.99 -47.26
N GLU E 220 12.34 -19.18 -46.77
CA GLU E 220 13.19 -18.34 -47.60
C GLU E 220 14.63 -18.80 -47.53
N ALA E 221 15.52 -18.03 -48.15
CA ALA E 221 16.94 -18.35 -48.16
C ALA E 221 17.71 -17.76 -46.99
N GLU E 222 17.05 -16.99 -46.12
CA GLU E 222 17.70 -16.37 -44.96
C GLU E 222 17.62 -17.25 -43.72
N ASP E 223 16.90 -18.37 -43.81
CA ASP E 223 16.66 -19.23 -42.66
C ASP E 223 17.56 -20.47 -42.66
N VAL E 224 18.74 -20.37 -43.25
CA VAL E 224 19.69 -21.48 -43.28
C VAL E 224 20.60 -21.40 -42.07
N GLY E 225 20.83 -22.54 -41.46
CA GLY E 225 21.65 -22.61 -40.25
C GLY E 225 21.35 -23.89 -39.49
N VAL E 226 21.58 -23.83 -38.18
CA VAL E 226 21.33 -24.95 -37.29
C VAL E 226 20.39 -24.50 -36.18
N TYR E 227 19.40 -25.33 -35.88
CA TYR E 227 18.39 -25.02 -34.87
C TYR E 227 18.67 -25.82 -33.61
N TYR E 228 18.65 -25.13 -32.47
CA TYR E 228 18.96 -25.75 -31.20
C TYR E 228 17.75 -25.67 -30.28
N CYS E 229 17.63 -26.66 -29.41
CA CYS E 229 16.53 -26.75 -28.46
C CYS E 229 17.07 -26.77 -27.04
N MET E 230 16.30 -26.21 -26.12
CA MET E 230 16.77 -26.00 -24.75
C MET E 230 15.61 -26.20 -23.78
N GLN E 231 15.93 -26.63 -22.56
CA GLN E 231 14.96 -26.77 -21.49
C GLN E 231 15.31 -25.80 -20.38
N HIS E 232 14.29 -25.39 -19.63
CA HIS E 232 14.48 -24.45 -18.52
C HIS E 232 13.64 -24.86 -17.32
N LEU E 233 13.43 -26.17 -17.15
CA LEU E 233 12.66 -26.67 -16.01
C LEU E 233 13.48 -26.59 -14.73
N GLU E 234 14.65 -27.23 -14.71
CA GLU E 234 15.53 -27.21 -13.55
C GLU E 234 16.97 -27.23 -14.04
N TYR E 235 17.85 -26.58 -13.27
CA TYR E 235 19.26 -26.53 -13.63
C TYR E 235 19.94 -27.85 -13.32
N PRO E 236 20.96 -28.25 -14.10
CA PRO E 236 21.56 -27.53 -15.23
C PRO E 236 20.69 -27.54 -16.49
N LEU E 237 21.07 -26.72 -17.46
CA LEU E 237 20.30 -26.52 -18.67
C LEU E 237 21.00 -27.24 -19.83
N THR E 238 20.24 -28.05 -20.55
CA THR E 238 20.79 -28.95 -21.55
C THR E 238 20.30 -28.56 -22.94
N PHE E 239 21.17 -28.73 -23.93
CA PHE E 239 20.88 -28.38 -25.31
C PHE E 239 20.84 -29.64 -26.14
N GLY E 240 20.75 -29.47 -27.45
CA GLY E 240 20.69 -30.61 -28.35
C GLY E 240 21.84 -30.58 -29.34
N ALA E 241 21.96 -31.67 -30.09
CA ALA E 241 23.02 -31.76 -31.10
C ALA E 241 22.78 -30.79 -32.24
N GLY E 242 21.54 -30.38 -32.45
CA GLY E 242 21.21 -29.45 -33.52
C GLY E 242 20.84 -30.15 -34.81
N THR E 243 20.42 -29.33 -35.78
CA THR E 243 20.03 -29.82 -37.10
C THR E 243 20.47 -28.81 -38.15
N LYS E 244 21.38 -29.23 -39.03
CA LYS E 244 21.88 -28.35 -40.08
C LYS E 244 20.91 -28.35 -41.26
N LEU E 245 20.59 -27.15 -41.74
CA LEU E 245 19.79 -26.97 -42.94
C LEU E 245 20.61 -26.25 -44.00
N GLU E 246 20.59 -26.79 -45.21
CA GLU E 246 21.39 -26.26 -46.31
C GLU E 246 20.52 -26.11 -47.55
N LEU E 247 20.89 -25.13 -48.37
CA LEU E 247 20.14 -24.86 -49.59
C LEU E 247 20.28 -26.00 -50.58
N LYS E 248 19.24 -26.19 -51.40
CA LYS E 248 19.21 -27.22 -52.44
C LYS E 248 19.48 -28.61 -51.85
N1 ACH F . 7.64 -14.76 41.68
C2 ACH F . 8.46 -13.66 42.02
C3 ACH F . 9.25 -13.36 40.76
O4 ACH F . 10.07 -12.30 41.11
C5 ACH F . 11.35 -12.38 40.59
O7 ACH F . 12.26 -12.14 41.29
C6 ACH F . 11.54 -12.76 39.13
C8 ACH F . 8.29 -15.98 42.07
C9 ACH F . 6.40 -14.64 42.37
C10 ACH F . 7.41 -14.74 40.27
#